data_8RVG
#
_entry.id   8RVG
#
_cell.length_a   73.531
_cell.length_b   104.421
_cell.length_c   112.889
_cell.angle_alpha   90.00
_cell.angle_beta   90.00
_cell.angle_gamma   90.00
#
_symmetry.space_group_name_H-M   'P 21 21 21'
#
loop_
_entity.id
_entity.type
_entity.pdbx_description
1 polymer 'Botulinum neurotoxin A heavy chain'
2 branched 'N-acetyl-alpha-neuraminic acid-(2-3)-beta-D-galactopyranose-(1-3)-2-acetamido-2-deoxy-beta-D-galactopyranose-(1-4)-beta-D-galactopyranose'
3 water water
#
_entity_poly.entity_id   1
_entity_poly.type   'polypeptide(L)'
_entity_poly.pdbx_seq_one_letter_code
;MGSSHHHHHHSSGLVPRGSHMDTSILNLRYESNHLIDLSRYASKINIGSKVNFDPIDKNQIQLFNLESSKIEVILKNAIV
YNSMYENFSTSFWIRIPKYFNSISLNNEYTIINCMENNSGWKVSLNYGEIIWTLQDTQEIKQRVVFKYSQMINISDYINR
WIFVTITNNRLNNSKIYINGRLIDQKPISNLGNIHASNNIMFKLDGCRDTHRYIWIKYFNLFDKELNEKEIKDLYDNQSN
SGILKDFWGDYLQYDKPYYMLNLVDPNKYVDVNNVGIRGYMYLKGPRGSVMTTNIYLNSSLYRGTKFIIKKYASGNKDNI
VRNNDRVYINVVVKNKEYRLATNASQAGVEKILSALEIPDVGNLSQVVVMKSKNDQGITNKCKMNLQDNNGNDIGFIGFH
QFNNIAKLVASNWYNRQIERSSRTLGCSWEFIPVDDGWGERPLQ
;
_entity_poly.pdbx_strand_id   A,B
#
loop_
_chem_comp.id
_chem_comp.type
_chem_comp.name
_chem_comp.formula
GAL D-saccharide, beta linking beta-D-galactopyranose 'C6 H12 O6'
NGA D-saccharide, beta linking 2-acetamido-2-deoxy-beta-D-galactopyranose 'C8 H15 N O6'
SIA D-saccharide, alpha linking 'N-acetyl-alpha-neuraminic acid' 'C11 H19 N O9'
#
# COMPACT_ATOMS: atom_id res chain seq x y z
N SER A 19 30.74 0.06 -9.09
CA SER A 19 31.77 -0.97 -9.41
C SER A 19 31.38 -2.35 -8.86
N HIS A 20 31.64 -3.38 -9.65
CA HIS A 20 31.33 -4.75 -9.27
C HIS A 20 32.37 -5.69 -9.91
N MET A 21 32.64 -6.78 -9.20
CA MET A 21 33.62 -7.79 -9.64
C MET A 21 32.98 -9.17 -9.51
N ASP A 22 32.91 -9.92 -10.62
CA ASP A 22 32.45 -11.31 -10.59
C ASP A 22 33.64 -12.29 -10.43
N THR A 23 33.54 -13.14 -9.40
CA THR A 23 34.53 -14.18 -9.14
C THR A 23 33.87 -15.56 -8.98
N SER A 24 32.66 -15.73 -9.52
CA SER A 24 31.89 -16.97 -9.40
C SER A 24 32.62 -18.22 -9.90
N ILE A 25 32.64 -19.24 -9.04
CA ILE A 25 33.13 -20.55 -9.45
C ILE A 25 32.04 -21.61 -9.48
N LEU A 26 30.99 -21.42 -8.67
CA LEU A 26 29.85 -22.32 -8.66
C LEU A 26 28.65 -21.53 -8.15
N ASN A 27 27.55 -21.58 -8.91
CA ASN A 27 26.34 -20.84 -8.60
C ASN A 27 25.16 -21.81 -8.86
N LEU A 28 24.84 -22.58 -7.83
CA LEU A 28 23.92 -23.69 -7.93
C LEU A 28 22.50 -23.17 -7.79
N ARG A 29 21.71 -23.30 -8.84
CA ARG A 29 20.34 -22.75 -8.84
C ARG A 29 19.42 -23.67 -9.61
N TYR A 30 18.14 -23.70 -9.19
CA TYR A 30 17.09 -24.37 -9.94
C TYR A 30 16.58 -23.43 -11.00
N GLU A 31 16.89 -23.72 -12.25
CA GLU A 31 16.38 -22.94 -13.36
C GLU A 31 15.92 -23.87 -14.47
N SER A 32 14.93 -23.37 -15.20
CA SER A 32 14.10 -24.14 -16.09
C SER A 32 13.34 -25.12 -15.21
N ASN A 33 13.89 -26.32 -15.20
CA ASN A 33 13.32 -27.51 -14.62
C ASN A 33 14.44 -28.38 -14.03
N HIS A 34 15.59 -27.77 -13.71
CA HIS A 34 16.80 -28.49 -13.31
C HIS A 34 17.66 -27.67 -12.35
N LEU A 35 18.30 -28.37 -11.40
CA LEU A 35 19.33 -27.78 -10.56
C LEU A 35 20.63 -27.82 -11.33
N ILE A 36 21.14 -26.65 -11.69
CA ILE A 36 22.36 -26.52 -12.48
C ILE A 36 23.28 -25.45 -11.89
N ASP A 37 24.51 -25.45 -12.36
CA ASP A 37 25.48 -24.43 -12.05
C ASP A 37 25.36 -23.36 -13.13
N LEU A 38 24.98 -22.15 -12.74
CA LEU A 38 24.86 -21.02 -13.66
C LEU A 38 26.18 -20.37 -14.01
N SER A 39 27.25 -20.67 -13.27
CA SER A 39 28.59 -20.16 -13.62
C SER A 39 29.03 -20.64 -15.01
N ARG A 40 29.93 -19.88 -15.62
CA ARG A 40 30.39 -20.17 -16.99
C ARG A 40 31.05 -21.56 -17.12
N TYR A 41 31.48 -22.12 -15.99
CA TYR A 41 32.05 -23.47 -15.93
C TYR A 41 31.03 -24.59 -16.12
N ALA A 42 29.77 -24.35 -15.74
CA ALA A 42 28.70 -25.35 -15.85
C ALA A 42 29.13 -26.71 -15.29
N SER A 43 29.63 -26.71 -14.05
CA SER A 43 30.07 -27.93 -13.41
C SER A 43 28.89 -28.93 -13.32
N LYS A 44 29.21 -30.22 -13.52
CA LYS A 44 28.23 -31.29 -13.64
C LYS A 44 27.73 -31.71 -12.23
N ILE A 45 26.41 -31.90 -12.16
CA ILE A 45 25.70 -32.12 -10.92
C ILE A 45 25.05 -33.51 -10.99
N ASN A 46 25.15 -34.27 -9.90
CA ASN A 46 24.42 -35.54 -9.74
C ASN A 46 23.49 -35.46 -8.56
N ILE A 47 22.21 -35.70 -8.78
CA ILE A 47 21.22 -35.63 -7.72
C ILE A 47 20.78 -37.05 -7.40
N GLY A 48 20.93 -37.43 -6.13
CA GLY A 48 20.45 -38.72 -5.65
C GLY A 48 18.93 -38.83 -5.63
N SER A 49 18.45 -40.06 -5.51
CA SER A 49 17.03 -40.37 -5.62
C SER A 49 16.21 -40.02 -4.39
N LYS A 50 16.84 -39.79 -3.23
CA LYS A 50 16.11 -39.49 -1.98
C LYS A 50 16.29 -38.05 -1.50
N VAL A 51 16.55 -37.15 -2.44
CA VAL A 51 16.55 -35.72 -2.21
C VAL A 51 15.16 -35.22 -2.46
N ASN A 52 14.66 -34.40 -1.54
CA ASN A 52 13.37 -33.76 -1.66
C ASN A 52 13.52 -32.29 -2.06
N PHE A 53 12.55 -31.80 -2.81
CA PHE A 53 12.48 -30.39 -3.19
C PHE A 53 11.14 -29.83 -2.73
N ASP A 54 11.13 -28.59 -2.25
CA ASP A 54 9.89 -27.96 -1.84
C ASP A 54 9.00 -27.74 -3.09
N PRO A 55 7.69 -28.02 -2.98
CA PRO A 55 6.79 -27.91 -4.14
C PRO A 55 6.66 -26.49 -4.73
N ILE A 56 6.81 -25.45 -3.92
CA ILE A 56 6.63 -24.08 -4.41
C ILE A 56 7.95 -23.41 -4.79
N ASP A 57 8.99 -23.62 -3.99
CA ASP A 57 10.28 -23.01 -4.24
C ASP A 57 11.24 -24.16 -4.42
N LYS A 58 11.47 -24.57 -5.68
CA LYS A 58 12.34 -25.74 -5.96
C LYS A 58 13.83 -25.50 -5.73
N ASN A 59 14.23 -24.26 -5.44
CA ASN A 59 15.58 -24.03 -4.89
C ASN A 59 15.79 -24.58 -3.46
N GLN A 60 14.70 -24.86 -2.73
CA GLN A 60 14.80 -25.43 -1.40
C GLN A 60 14.98 -26.93 -1.49
N ILE A 61 16.12 -27.39 -0.98
CA ILE A 61 16.58 -28.76 -1.12
C ILE A 61 16.62 -29.40 0.27
N GLN A 62 15.99 -30.57 0.41
CA GLN A 62 15.96 -31.26 1.69
C GLN A 62 16.80 -32.50 1.61
N LEU A 63 17.78 -32.63 2.49
CA LEU A 63 18.65 -33.79 2.54
C LEU A 63 18.42 -34.58 3.82
N PHE A 64 18.01 -35.84 3.66
CA PHE A 64 17.78 -36.77 4.79
C PHE A 64 19.02 -37.55 5.18
N ASN A 65 18.97 -38.26 6.32
CA ASN A 65 20.08 -39.13 6.74
C ASN A 65 19.99 -40.49 6.03
N LEU A 66 20.20 -40.43 4.72
CA LEU A 66 20.14 -41.59 3.83
C LEU A 66 21.24 -41.46 2.77
N GLU A 67 21.83 -42.59 2.39
CA GLU A 67 22.90 -42.63 1.38
C GLU A 67 22.52 -41.98 0.03
N SER A 68 21.27 -42.16 -0.39
CA SER A 68 20.79 -41.66 -1.67
C SER A 68 20.25 -40.22 -1.65
N SER A 69 20.28 -39.57 -0.49
CA SER A 69 19.82 -38.19 -0.32
C SER A 69 21.08 -37.36 -0.32
N LYS A 70 21.55 -37.03 -1.51
CA LYS A 70 22.81 -36.35 -1.66
C LYS A 70 22.85 -35.65 -2.99
N ILE A 71 23.72 -34.66 -3.07
CA ILE A 71 24.02 -34.03 -4.33
C ILE A 71 25.51 -33.94 -4.41
N GLU A 72 26.04 -34.29 -5.58
CA GLU A 72 27.47 -34.19 -5.82
C GLU A 72 27.73 -33.24 -6.98
N VAL A 73 28.68 -32.32 -6.79
CA VAL A 73 29.11 -31.41 -7.83
C VAL A 73 30.51 -31.82 -8.22
N ILE A 74 30.74 -32.10 -9.50
CA ILE A 74 32.08 -32.36 -10.01
C ILE A 74 32.60 -31.08 -10.62
N LEU A 75 33.59 -30.48 -9.97
CA LEU A 75 34.17 -29.24 -10.43
C LEU A 75 35.05 -29.45 -11.66
N LYS A 76 35.00 -28.49 -12.59
CA LYS A 76 35.94 -28.49 -13.70
C LYS A 76 37.35 -28.41 -13.14
N ASN A 77 38.29 -29.06 -13.82
CA ASN A 77 39.68 -29.09 -13.35
C ASN A 77 40.29 -27.70 -13.15
N ALA A 78 39.96 -26.76 -14.02
CA ALA A 78 40.52 -25.39 -13.93
C ALA A 78 40.15 -24.63 -12.65
N ILE A 79 39.14 -25.10 -11.91
CA ILE A 79 38.65 -24.40 -10.71
C ILE A 79 38.82 -25.12 -9.39
N VAL A 80 39.39 -26.33 -9.38
CA VAL A 80 39.65 -27.07 -8.14
C VAL A 80 40.60 -26.22 -7.29
N TYR A 81 40.44 -26.30 -5.98
CA TYR A 81 41.27 -25.52 -5.07
C TYR A 81 42.52 -26.31 -4.68
N ASN A 82 43.68 -25.75 -5.01
CA ASN A 82 44.99 -26.37 -4.67
C ASN A 82 46.04 -25.28 -4.52
N SER A 83 46.06 -24.65 -3.36
CA SER A 83 46.79 -23.40 -3.19
C SER A 83 47.28 -23.17 -1.80
N MET A 84 48.30 -22.33 -1.69
CA MET A 84 48.74 -21.74 -0.43
C MET A 84 48.22 -20.33 -0.18
N TYR A 85 47.76 -19.63 -1.22
N TYR A 85 47.67 -19.71 -1.21
CA TYR A 85 47.46 -18.19 -1.11
CA TYR A 85 47.54 -18.26 -1.28
C TYR A 85 46.12 -17.72 -1.68
C TYR A 85 46.19 -17.72 -1.76
N GLU A 86 45.43 -18.56 -2.46
CA GLU A 86 44.18 -18.17 -3.12
C GLU A 86 43.04 -17.96 -2.13
N ASN A 87 42.45 -16.77 -2.14
CA ASN A 87 41.31 -16.45 -1.29
C ASN A 87 39.99 -16.95 -1.88
N PHE A 88 39.11 -17.42 -1.02
CA PHE A 88 37.82 -17.95 -1.46
C PHE A 88 36.75 -17.87 -0.39
N SER A 89 35.50 -17.85 -0.83
CA SER A 89 34.33 -17.77 0.04
C SER A 89 33.21 -18.70 -0.42
N THR A 90 32.32 -19.04 0.49
CA THR A 90 31.09 -19.73 0.17
C THR A 90 29.91 -19.07 0.90
N SER A 91 28.74 -19.14 0.27
CA SER A 91 27.49 -18.73 0.89
C SER A 91 26.41 -19.74 0.59
N PHE A 92 25.43 -19.83 1.49
CA PHE A 92 24.31 -20.72 1.32
C PHE A 92 23.33 -20.42 2.44
N TRP A 93 22.07 -20.75 2.18
CA TRP A 93 21.03 -20.65 3.17
C TRP A 93 20.74 -22.07 3.68
N ILE A 94 20.45 -22.18 4.97
CA ILE A 94 20.28 -23.47 5.59
C ILE A 94 19.13 -23.35 6.59
N ARG A 95 18.39 -24.43 6.73
CA ARG A 95 17.37 -24.56 7.79
C ARG A 95 17.57 -25.90 8.55
N ILE A 96 17.95 -25.79 9.82
CA ILE A 96 18.39 -26.91 10.64
C ILE A 96 17.30 -27.18 11.66
N PRO A 97 16.66 -28.36 11.60
CA PRO A 97 15.65 -28.69 12.61
C PRO A 97 16.26 -28.82 14.00
N LYS A 98 15.40 -28.53 14.98
CA LYS A 98 15.79 -28.58 16.37
C LYS A 98 16.38 -29.98 16.65
N TYR A 99 17.48 -30.00 17.39
CA TYR A 99 18.04 -31.22 17.92
C TYR A 99 17.11 -31.67 19.05
N PHE A 100 16.65 -32.91 18.98
CA PHE A 100 15.64 -33.44 19.89
C PHE A 100 16.16 -34.38 20.97
N ASN A 101 17.22 -35.13 20.68
CA ASN A 101 17.64 -36.22 21.56
C ASN A 101 19.14 -36.19 21.84
N SER A 102 19.52 -36.82 22.94
CA SER A 102 20.91 -36.90 23.38
C SER A 102 21.86 -37.54 22.35
N ILE A 103 21.34 -38.40 21.47
CA ILE A 103 22.10 -38.92 20.33
C ILE A 103 22.83 -37.83 19.51
N SER A 104 22.28 -36.62 19.47
CA SER A 104 22.91 -35.50 18.78
C SER A 104 24.01 -34.76 19.53
N LEU A 105 24.24 -35.04 20.81
CA LEU A 105 25.06 -34.14 21.68
C LEU A 105 26.54 -33.95 21.36
N ASN A 106 27.24 -35.03 21.05
CA ASN A 106 28.69 -34.93 20.76
C ASN A 106 28.93 -35.65 19.46
N ASN A 107 28.29 -35.14 18.41
CA ASN A 107 28.29 -35.83 17.15
C ASN A 107 28.38 -34.85 15.99
N GLU A 108 29.60 -34.49 15.67
CA GLU A 108 29.87 -33.64 14.53
C GLU A 108 29.64 -34.47 13.26
N TYR A 109 28.91 -33.91 12.30
CA TYR A 109 28.62 -34.61 11.04
C TYR A 109 28.77 -33.62 9.88
N THR A 110 29.44 -34.09 8.82
CA THR A 110 29.69 -33.25 7.66
C THR A 110 28.40 -33.15 6.88
N ILE A 111 28.17 -31.96 6.32
CA ILE A 111 27.05 -31.76 5.38
C ILE A 111 27.47 -31.33 3.96
N ILE A 112 28.60 -30.62 3.85
CA ILE A 112 29.12 -30.18 2.58
C ILE A 112 30.63 -30.47 2.63
N ASN A 113 31.05 -31.45 1.84
CA ASN A 113 32.38 -31.99 1.93
C ASN A 113 33.23 -31.72 0.66
N CYS A 114 34.37 -31.09 0.84
CA CYS A 114 35.37 -30.93 -0.23
C CYS A 114 36.78 -31.27 0.32
N MET A 115 36.85 -32.32 1.14
CA MET A 115 38.09 -32.84 1.72
C MET A 115 38.45 -34.05 0.88
N GLU A 116 39.72 -34.16 0.52
CA GLU A 116 40.26 -35.39 -0.08
C GLU A 116 41.59 -35.68 0.61
N ASN A 117 41.70 -36.90 1.13
CA ASN A 117 42.86 -37.33 1.89
C ASN A 117 43.30 -36.34 2.99
N ASN A 118 42.32 -35.93 3.80
CA ASN A 118 42.55 -35.05 4.96
C ASN A 118 43.15 -33.67 4.62
N SER A 119 42.87 -33.16 3.42
CA SER A 119 43.09 -31.76 3.09
C SER A 119 41.87 -31.22 2.34
N GLY A 120 41.56 -29.95 2.58
CA GLY A 120 40.48 -29.26 1.90
C GLY A 120 39.63 -28.45 2.85
N TRP A 121 38.36 -28.35 2.50
CA TRP A 121 37.39 -27.64 3.32
C TRP A 121 36.11 -28.44 3.46
N LYS A 122 35.39 -28.15 4.54
CA LYS A 122 34.09 -28.71 4.76
C LYS A 122 33.24 -27.86 5.68
N VAL A 123 31.93 -27.97 5.45
CA VAL A 123 30.89 -27.52 6.42
C VAL A 123 30.36 -28.74 7.18
N SER A 124 30.34 -28.62 8.49
CA SER A 124 29.81 -29.68 9.33
C SER A 124 28.86 -29.06 10.34
N LEU A 125 28.04 -29.92 10.93
CA LEU A 125 27.13 -29.53 11.98
C LEU A 125 27.36 -30.34 13.22
N ASN A 126 26.91 -29.80 14.33
CA ASN A 126 26.87 -30.53 15.59
C ASN A 126 25.71 -29.92 16.38
N TYR A 127 25.43 -30.48 17.57
CA TYR A 127 24.48 -29.91 18.49
C TYR A 127 24.68 -28.41 18.67
N GLY A 128 23.71 -27.62 18.22
CA GLY A 128 23.78 -26.17 18.27
C GLY A 128 24.94 -25.49 17.56
N GLU A 129 25.45 -26.08 16.49
CA GLU A 129 26.64 -25.55 15.81
C GLU A 129 26.62 -25.65 14.30
N ILE A 130 27.16 -24.60 13.66
CA ILE A 130 27.63 -24.67 12.27
C ILE A 130 29.14 -24.44 12.30
N ILE A 131 29.87 -25.34 11.64
CA ILE A 131 31.33 -25.41 11.70
C ILE A 131 31.94 -25.42 10.31
N TRP A 132 32.97 -24.60 10.12
CA TRP A 132 33.77 -24.61 8.90
C TRP A 132 35.15 -25.06 9.29
N THR A 133 35.67 -26.04 8.56
CA THR A 133 36.99 -26.58 8.75
C THR A 133 37.84 -26.46 7.48
N LEU A 134 39.06 -25.91 7.64
CA LEU A 134 40.12 -25.96 6.62
C LEU A 134 41.22 -26.85 7.15
N GLN A 135 41.81 -27.66 6.28
CA GLN A 135 42.99 -28.46 6.65
C GLN A 135 43.99 -28.49 5.49
N ASP A 136 45.26 -28.19 5.78
CA ASP A 136 46.32 -28.25 4.78
C ASP A 136 46.85 -29.69 4.64
N THR A 137 47.80 -29.92 3.74
CA THR A 137 48.26 -31.30 3.43
C THR A 137 49.22 -31.87 4.48
N GLN A 138 49.63 -31.03 5.43
CA GLN A 138 50.39 -31.41 6.60
C GLN A 138 49.50 -31.50 7.82
N GLU A 139 48.18 -31.60 7.60
CA GLU A 139 47.13 -31.75 8.63
C GLU A 139 47.12 -30.64 9.72
N ILE A 140 47.54 -29.43 9.34
CA ILE A 140 47.30 -28.27 10.17
C ILE A 140 45.87 -27.86 9.81
N LYS A 141 45.07 -27.69 10.86
CA LYS A 141 43.62 -27.52 10.72
C LYS A 141 43.21 -26.25 11.46
N GLN A 142 42.20 -25.56 10.93
CA GLN A 142 41.53 -24.48 11.65
C GLN A 142 40.03 -24.61 11.48
N ARG A 143 39.29 -24.15 12.49
CA ARG A 143 37.81 -24.19 12.51
C ARG A 143 37.26 -22.81 12.83
N VAL A 144 36.18 -22.41 12.15
CA VAL A 144 35.38 -21.30 12.63
C VAL A 144 33.99 -21.85 12.90
N VAL A 145 33.40 -21.39 14.01
CA VAL A 145 32.20 -22.00 14.56
C VAL A 145 31.15 -20.96 14.91
N PHE A 146 29.93 -21.20 14.44
CA PHE A 146 28.74 -20.50 14.92
C PHE A 146 28.04 -21.42 15.95
N LYS A 147 27.85 -20.92 17.16
CA LYS A 147 27.16 -21.68 18.22
C LYS A 147 25.86 -20.97 18.55
N TYR A 148 24.77 -21.72 18.62
CA TYR A 148 23.46 -21.19 19.01
C TYR A 148 22.85 -22.08 20.09
N SER A 149 22.15 -21.46 21.04
CA SER A 149 21.60 -22.17 22.18
C SER A 149 20.26 -22.78 21.85
N GLN A 150 19.97 -23.93 22.45
CA GLN A 150 18.63 -24.46 22.47
C GLN A 150 17.91 -24.27 23.80
N MET A 151 18.54 -23.56 24.73
CA MET A 151 17.95 -23.18 26.02
C MET A 151 17.63 -21.69 25.93
N ILE A 152 16.50 -21.38 25.32
CA ILE A 152 16.18 -20.02 24.96
C ILE A 152 14.69 -19.91 24.63
N ASN A 153 14.06 -18.84 25.11
CA ASN A 153 12.62 -18.65 24.88
C ASN A 153 12.24 -18.72 23.41
N ILE A 154 12.79 -17.81 22.62
CA ILE A 154 12.57 -17.76 21.17
C ILE A 154 13.92 -17.66 20.50
N SER A 155 14.24 -18.59 19.61
CA SER A 155 15.50 -18.59 18.89
C SER A 155 15.38 -17.97 17.51
N ASP A 156 16.36 -17.15 17.13
CA ASP A 156 16.48 -16.67 15.75
C ASP A 156 16.94 -17.75 14.78
N TYR A 157 17.49 -18.84 15.30
CA TYR A 157 18.25 -19.78 14.47
C TYR A 157 17.64 -21.16 14.35
N ILE A 158 17.04 -21.69 15.42
CA ILE A 158 16.54 -23.06 15.39
C ILE A 158 15.44 -23.23 14.36
N ASN A 159 15.67 -24.12 13.38
CA ASN A 159 14.65 -24.47 12.40
C ASN A 159 14.17 -23.32 11.51
N ARG A 160 14.94 -22.24 11.45
CA ARG A 160 14.62 -21.08 10.66
C ARG A 160 15.68 -20.94 9.55
N TRP A 161 15.27 -20.49 8.38
CA TRP A 161 16.23 -20.23 7.30
C TRP A 161 17.27 -19.20 7.75
N ILE A 162 18.55 -19.57 7.67
CA ILE A 162 19.69 -18.76 8.15
C ILE A 162 20.54 -18.53 6.92
N PHE A 163 21.03 -17.32 6.71
CA PHE A 163 22.06 -17.08 5.67
C PHE A 163 23.47 -17.28 6.20
N VAL A 164 24.20 -18.26 5.65
CA VAL A 164 25.60 -18.51 6.03
C VAL A 164 26.57 -17.92 5.00
N THR A 165 27.59 -17.22 5.47
CA THR A 165 28.70 -16.83 4.59
C THR A 165 30.01 -17.10 5.28
N ILE A 166 30.92 -17.78 4.56
CA ILE A 166 32.25 -18.08 5.08
C ILE A 166 33.30 -17.54 4.09
N THR A 167 34.21 -16.70 4.60
CA THR A 167 35.26 -16.10 3.79
C THR A 167 36.64 -16.56 4.26
N ASN A 168 37.58 -16.65 3.32
CA ASN A 168 38.93 -17.14 3.60
C ASN A 168 39.99 -16.25 2.98
N ASN A 169 40.80 -15.63 3.84
CA ASN A 169 41.95 -14.84 3.42
C ASN A 169 43.20 -15.54 3.90
N ARG A 170 43.98 -16.05 2.95
CA ARG A 170 45.13 -16.89 3.26
C ARG A 170 46.23 -16.12 4.02
N LEU A 171 46.26 -14.80 3.92
CA LEU A 171 47.19 -13.97 4.69
C LEU A 171 46.81 -13.76 6.15
N ASN A 172 45.54 -13.93 6.49
CA ASN A 172 45.10 -13.67 7.86
C ASN A 172 43.99 -14.59 8.33
N ASN A 173 42.72 -14.28 8.07
CA ASN A 173 41.60 -14.91 8.78
C ASN A 173 40.61 -15.65 7.87
N SER A 174 39.96 -16.67 8.44
CA SER A 174 38.70 -17.21 7.94
C SER A 174 37.64 -16.61 8.85
N LYS A 175 36.47 -16.34 8.28
CA LYS A 175 35.37 -15.69 8.97
C LYS A 175 34.08 -16.40 8.64
N ILE A 176 33.23 -16.55 9.66
CA ILE A 176 31.87 -17.02 9.43
C ILE A 176 30.90 -15.93 9.82
N TYR A 177 29.99 -15.66 8.88
CA TYR A 177 28.93 -14.68 9.04
C TYR A 177 27.59 -15.42 9.08
N ILE A 178 26.69 -14.91 9.91
CA ILE A 178 25.31 -15.39 9.93
C ILE A 178 24.38 -14.20 9.69
N ASN A 179 23.50 -14.33 8.71
CA ASN A 179 22.56 -13.28 8.33
C ASN A 179 23.26 -11.96 8.12
N GLY A 180 24.40 -12.02 7.42
CA GLY A 180 25.20 -10.86 7.11
C GLY A 180 26.06 -10.28 8.23
N ARG A 181 26.05 -10.89 9.41
CA ARG A 181 26.78 -10.37 10.58
C ARG A 181 27.92 -11.33 10.94
N LEU A 182 29.12 -10.76 11.14
CA LEU A 182 30.29 -11.54 11.55
C LEU A 182 30.03 -12.20 12.91
N ILE A 183 30.25 -13.52 12.96
CA ILE A 183 30.10 -14.31 14.19
C ILE A 183 31.43 -14.76 14.79
N ASP A 184 32.34 -15.29 13.95
CA ASP A 184 33.61 -15.80 14.46
C ASP A 184 34.67 -15.65 13.39
N GLN A 185 35.88 -15.24 13.81
CA GLN A 185 37.01 -15.14 12.90
C GLN A 185 38.20 -15.78 13.57
N LYS A 186 38.93 -16.62 12.83
CA LYS A 186 40.10 -17.31 13.34
C LYS A 186 41.24 -17.20 12.33
N PRO A 187 42.50 -17.19 12.80
CA PRO A 187 43.67 -17.06 11.93
C PRO A 187 43.95 -18.36 11.17
N ILE A 188 44.28 -18.23 9.88
CA ILE A 188 44.64 -19.35 9.02
C ILE A 188 46.00 -19.13 8.33
N SER A 189 46.70 -18.04 8.66
CA SER A 189 47.97 -17.69 8.01
C SER A 189 49.04 -18.77 8.18
N ASN A 190 48.90 -19.63 9.19
CA ASN A 190 49.82 -20.75 9.39
C ASN A 190 49.50 -22.00 8.52
N LEU A 191 48.33 -22.10 7.87
CA LEU A 191 48.08 -23.24 6.97
C LEU A 191 48.86 -23.06 5.66
N GLY A 192 49.37 -24.15 5.10
CA GLY A 192 50.19 -24.11 3.89
C GLY A 192 49.36 -24.46 2.65
N ASN A 193 49.70 -25.57 2.01
CA ASN A 193 49.01 -26.09 0.84
C ASN A 193 47.70 -26.74 1.25
N ILE A 194 46.59 -26.13 0.85
CA ILE A 194 45.27 -26.74 0.95
C ILE A 194 44.89 -27.29 -0.43
N HIS A 195 44.77 -28.60 -0.50
CA HIS A 195 44.45 -29.30 -1.73
C HIS A 195 43.08 -29.91 -1.48
N ALA A 196 42.05 -29.24 -2.01
CA ALA A 196 40.67 -29.70 -1.83
C ALA A 196 40.29 -30.76 -2.86
N SER A 197 39.12 -31.33 -2.68
CA SER A 197 38.60 -32.34 -3.55
C SER A 197 38.20 -31.79 -4.91
N ASN A 198 38.19 -32.69 -5.90
CA ASN A 198 37.59 -32.39 -7.20
C ASN A 198 36.06 -32.35 -7.20
N ASN A 199 35.44 -32.88 -6.15
N ASN A 199 35.45 -32.87 -6.12
CA ASN A 199 33.99 -32.85 -6.02
CA ASN A 199 34.00 -32.85 -5.97
C ASN A 199 33.52 -32.24 -4.70
C ASN A 199 33.56 -32.14 -4.70
N ILE A 200 32.32 -31.68 -4.70
CA ILE A 200 31.66 -31.19 -3.48
C ILE A 200 30.50 -32.13 -3.21
N MET A 201 30.47 -32.77 -2.05
CA MET A 201 29.39 -33.69 -1.68
C MET A 201 28.48 -33.04 -0.65
N PHE A 202 27.23 -32.81 -1.05
CA PHE A 202 26.19 -32.31 -0.16
C PHE A 202 25.51 -33.56 0.35
N LYS A 203 25.67 -33.85 1.64
CA LYS A 203 25.23 -35.12 2.20
C LYS A 203 25.50 -35.16 3.69
N LEU A 204 24.56 -35.67 4.48
CA LEU A 204 24.82 -35.89 5.92
C LEU A 204 25.78 -37.07 6.01
N ASP A 205 26.95 -36.84 6.59
CA ASP A 205 28.03 -37.85 6.64
C ASP A 205 28.46 -37.94 8.11
N GLY A 206 28.14 -39.09 8.72
CA GLY A 206 28.56 -39.42 10.10
C GLY A 206 27.59 -38.98 11.19
N CYS A 207 26.33 -38.74 10.79
CA CYS A 207 25.25 -38.35 11.68
C CYS A 207 24.58 -39.60 12.22
N ARG A 208 24.64 -39.76 13.54
CA ARG A 208 23.98 -40.87 14.26
C ARG A 208 22.47 -40.75 14.38
N ASP A 209 21.93 -39.54 14.33
CA ASP A 209 20.45 -39.36 14.39
C ASP A 209 19.80 -39.75 13.07
N THR A 210 19.16 -40.93 13.04
CA THR A 210 18.53 -41.43 11.82
C THR A 210 17.39 -40.55 11.28
N HIS A 211 16.80 -39.69 12.09
CA HIS A 211 15.74 -38.78 11.63
C HIS A 211 16.23 -37.38 11.23
N ARG A 212 17.53 -37.14 11.31
CA ARG A 212 18.10 -35.84 11.02
C ARG A 212 17.94 -35.51 9.52
N TYR A 213 17.73 -34.23 9.24
CA TYR A 213 17.79 -33.71 7.88
C TYR A 213 18.20 -32.28 7.95
N ILE A 214 18.53 -31.71 6.80
CA ILE A 214 18.68 -30.28 6.65
C ILE A 214 17.91 -29.84 5.41
N TRP A 215 17.56 -28.55 5.40
CA TRP A 215 17.19 -27.88 4.15
C TRP A 215 18.32 -26.94 3.76
N ILE A 216 18.60 -26.81 2.47
CA ILE A 216 19.65 -25.91 1.97
C ILE A 216 19.18 -25.21 0.70
N LYS A 217 19.67 -24.00 0.47
CA LYS A 217 19.39 -23.33 -0.82
C LYS A 217 20.45 -22.33 -1.22
N TYR A 218 20.54 -22.11 -2.53
CA TYR A 218 21.41 -21.10 -3.12
C TYR A 218 22.92 -21.20 -2.75
N PHE A 219 23.49 -22.37 -2.93
CA PHE A 219 24.91 -22.56 -2.70
C PHE A 219 25.73 -21.81 -3.72
N ASN A 220 26.71 -21.05 -3.23
CA ASN A 220 27.64 -20.32 -4.08
C ASN A 220 29.07 -20.56 -3.61
N LEU A 221 30.01 -20.54 -4.56
CA LEU A 221 31.41 -20.42 -4.25
C LEU A 221 31.99 -19.25 -5.02
N PHE A 222 32.87 -18.50 -4.36
CA PHE A 222 33.46 -17.30 -4.91
C PHE A 222 34.97 -17.38 -4.79
N ASP A 223 35.68 -16.95 -5.84
CA ASP A 223 37.12 -16.96 -5.82
C ASP A 223 37.68 -15.62 -5.33
N LYS A 224 37.18 -15.18 -4.18
CA LYS A 224 37.78 -14.08 -3.42
C LYS A 224 37.30 -14.16 -1.97
N GLU A 225 37.94 -13.40 -1.08
CA GLU A 225 37.39 -13.09 0.23
C GLU A 225 36.32 -12.02 0.04
N LEU A 226 35.05 -12.36 0.24
CA LEU A 226 33.95 -11.38 0.18
C LEU A 226 34.09 -10.40 1.34
N ASN A 227 33.86 -9.11 1.07
CA ASN A 227 33.84 -8.08 2.12
C ASN A 227 32.45 -7.90 2.74
N GLU A 228 32.37 -7.11 3.82
CA GLU A 228 31.13 -6.91 4.59
C GLU A 228 29.97 -6.36 3.78
N LYS A 229 30.28 -5.49 2.80
CA LYS A 229 29.27 -4.91 1.90
C LYS A 229 28.76 -5.91 0.89
N GLU A 230 29.67 -6.69 0.32
CA GLU A 230 29.30 -7.74 -0.61
C GLU A 230 28.43 -8.75 0.08
N ILE A 231 28.71 -9.05 1.33
CA ILE A 231 27.96 -10.04 2.09
C ILE A 231 26.55 -9.53 2.42
N LYS A 232 26.46 -8.31 2.96
CA LYS A 232 25.16 -7.61 3.15
C LYS A 232 24.30 -7.59 1.86
N ASP A 233 24.89 -7.15 0.74
CA ASP A 233 24.12 -7.07 -0.53
C ASP A 233 23.59 -8.43 -0.99
N LEU A 234 24.45 -9.42 -0.85
CA LEU A 234 24.13 -10.78 -1.15
C LEU A 234 22.97 -11.29 -0.28
N TYR A 235 23.02 -10.97 1.00
CA TYR A 235 21.98 -11.31 1.98
C TYR A 235 20.63 -10.64 1.66
N ASP A 236 20.65 -9.34 1.41
CA ASP A 236 19.43 -8.61 1.04
C ASP A 236 18.81 -9.14 -0.22
N ASN A 237 19.64 -9.34 -1.25
CA ASN A 237 19.13 -9.82 -2.54
C ASN A 237 18.46 -11.18 -2.46
N GLN A 238 19.12 -12.12 -1.79
CA GLN A 238 18.63 -13.48 -1.78
C GLN A 238 17.44 -13.73 -0.85
N SER A 239 17.17 -12.79 0.06
CA SER A 239 15.99 -12.83 0.93
C SER A 239 14.63 -12.80 0.22
N ASN A 240 14.59 -12.33 -1.03
CA ASN A 240 13.34 -12.17 -1.80
C ASN A 240 12.31 -11.35 -1.02
N SER A 241 12.65 -10.08 -0.75
CA SER A 241 11.78 -9.21 0.05
C SER A 241 10.38 -8.96 -0.57
N GLY A 242 10.20 -9.26 -1.86
CA GLY A 242 8.87 -9.19 -2.52
C GLY A 242 7.78 -10.16 -2.05
N ILE A 243 8.19 -11.23 -1.38
CA ILE A 243 7.26 -12.23 -0.88
C ILE A 243 7.37 -12.20 0.64
N LEU A 244 6.24 -12.16 1.33
CA LEU A 244 6.29 -12.25 2.80
C LEU A 244 6.72 -13.65 3.23
N LYS A 245 7.32 -13.74 4.42
CA LYS A 245 7.73 -15.02 4.96
C LYS A 245 6.96 -15.37 6.21
N ASP A 246 6.81 -16.66 6.45
CA ASP A 246 6.43 -17.19 7.76
C ASP A 246 7.62 -17.19 8.73
N PHE A 247 7.38 -17.61 9.97
CA PHE A 247 8.39 -17.58 11.03
C PHE A 247 9.65 -18.40 10.68
N TRP A 248 9.43 -19.54 10.04
CA TRP A 248 10.49 -20.41 9.63
C TRP A 248 11.30 -19.85 8.44
N GLY A 249 10.77 -18.87 7.73
CA GLY A 249 11.44 -18.25 6.58
C GLY A 249 10.94 -18.76 5.24
N ASP A 250 9.95 -19.63 5.24
CA ASP A 250 9.31 -20.05 3.99
C ASP A 250 8.32 -19.01 3.51
N TYR A 251 7.91 -19.11 2.26
CA TYR A 251 6.89 -18.17 1.74
C TYR A 251 5.63 -18.22 2.56
N LEU A 252 5.11 -17.06 2.94
CA LEU A 252 3.85 -16.94 3.59
C LEU A 252 2.77 -17.25 2.56
N GLN A 253 1.74 -17.95 2.99
CA GLN A 253 0.67 -18.42 2.06
C GLN A 253 -0.73 -18.03 2.49
N TYR A 254 -1.62 -17.91 1.50
CA TYR A 254 -3.04 -17.78 1.74
C TYR A 254 -3.63 -19.11 2.20
N ASP A 255 -4.76 -19.04 2.91
CA ASP A 255 -5.51 -20.25 3.26
C ASP A 255 -4.74 -21.26 4.14
N LYS A 256 -3.76 -20.78 4.88
CA LYS A 256 -2.93 -21.64 5.72
C LYS A 256 -3.04 -21.17 7.18
N PRO A 257 -3.50 -22.07 8.09
CA PRO A 257 -3.59 -21.67 9.49
C PRO A 257 -2.21 -21.38 10.13
N TYR A 258 -2.12 -20.25 10.81
CA TYR A 258 -0.86 -19.81 11.44
C TYR A 258 -1.12 -19.38 12.90
N TYR A 259 -0.22 -19.77 13.78
CA TYR A 259 -0.18 -19.22 15.13
C TYR A 259 0.60 -17.89 15.12
N MET A 260 0.27 -16.97 16.01
CA MET A 260 0.79 -15.60 15.92
C MET A 260 1.85 -15.31 16.98
N LEU A 261 2.93 -14.65 16.55
CA LEU A 261 3.94 -14.15 17.47
C LEU A 261 4.06 -12.65 17.30
N ASN A 262 3.90 -11.93 18.40
CA ASN A 262 4.23 -10.52 18.45
C ASN A 262 5.68 -10.38 18.96
N LEU A 263 6.50 -9.68 18.19
CA LEU A 263 7.95 -9.63 18.44
C LEU A 263 8.41 -8.83 19.67
N VAL A 264 7.69 -7.80 20.11
CA VAL A 264 8.02 -7.10 21.38
C VAL A 264 7.42 -7.74 22.63
N ASP A 265 6.43 -8.61 22.46
CA ASP A 265 5.86 -9.41 23.55
C ASP A 265 5.96 -10.90 23.16
N PRO A 266 7.19 -11.42 22.96
CA PRO A 266 7.35 -12.78 22.47
C PRO A 266 6.85 -13.87 23.43
N ASN A 267 6.72 -13.56 24.72
CA ASN A 267 6.20 -14.53 25.68
C ASN A 267 4.67 -14.45 25.83
N LYS A 268 3.98 -13.79 24.89
CA LYS A 268 2.54 -13.74 24.89
C LYS A 268 1.99 -14.37 23.62
N TYR A 269 0.72 -14.78 23.70
CA TYR A 269 -0.02 -15.32 22.56
C TYR A 269 -1.42 -14.69 22.44
N VAL A 270 -1.97 -14.77 21.24
CA VAL A 270 -3.23 -14.15 20.91
C VAL A 270 -4.38 -15.04 21.39
N ASP A 271 -5.35 -14.43 22.07
CA ASP A 271 -6.57 -15.13 22.43
C ASP A 271 -7.74 -14.18 22.18
N VAL A 272 -8.95 -14.74 22.21
CA VAL A 272 -10.22 -14.00 22.17
C VAL A 272 -11.05 -14.37 23.42
N ASN A 273 -11.76 -13.41 24.01
CA ASN A 273 -12.71 -13.78 25.11
C ASN A 273 -14.04 -14.30 24.55
N ASN A 274 -14.65 -13.41 23.76
CA ASN A 274 -15.94 -13.55 23.15
C ASN A 274 -15.80 -13.08 21.69
N VAL A 275 -16.45 -13.78 20.78
CA VAL A 275 -16.58 -13.31 19.40
C VAL A 275 -17.61 -12.16 19.32
N GLY A 276 -17.66 -11.51 18.16
CA GLY A 276 -18.58 -10.38 17.92
C GLY A 276 -18.03 -9.04 18.37
N ILE A 277 -18.76 -7.99 18.04
CA ILE A 277 -18.31 -6.61 18.28
C ILE A 277 -18.17 -6.23 19.77
N ARG A 278 -18.82 -6.95 20.69
CA ARG A 278 -18.64 -6.72 22.15
C ARG A 278 -17.31 -7.31 22.65
N GLY A 279 -16.80 -8.33 21.97
CA GLY A 279 -15.53 -8.95 22.31
C GLY A 279 -14.32 -8.25 21.75
N TYR A 280 -13.15 -8.79 22.06
CA TYR A 280 -11.89 -8.20 21.65
C TYR A 280 -10.83 -9.26 21.64
N MET A 281 -9.79 -9.02 20.85
CA MET A 281 -8.62 -9.82 21.03
C MET A 281 -7.49 -9.16 21.72
N TYR A 282 -6.68 -10.00 22.33
CA TYR A 282 -5.68 -9.56 23.27
C TYR A 282 -4.51 -10.55 23.34
N LEU A 283 -3.39 -10.06 23.86
CA LEU A 283 -2.21 -10.85 24.11
C LEU A 283 -2.23 -11.22 25.59
N LYS A 284 -1.87 -12.48 25.87
CA LYS A 284 -1.75 -12.98 27.23
C LYS A 284 -0.57 -13.95 27.31
N GLY A 285 0.01 -14.05 28.48
CA GLY A 285 1.11 -14.97 28.69
C GLY A 285 1.33 -15.25 30.16
N PRO A 286 2.33 -16.07 30.49
CA PRO A 286 3.33 -16.57 29.55
C PRO A 286 2.87 -17.73 28.62
N ARG A 287 3.64 -17.97 27.58
CA ARG A 287 3.39 -19.10 26.68
C ARG A 287 3.51 -20.50 27.30
N GLY A 288 4.35 -20.66 28.32
CA GLY A 288 4.72 -22.00 28.72
C GLY A 288 5.73 -22.62 27.77
N SER A 289 6.12 -23.85 28.08
CA SER A 289 7.40 -24.41 27.66
C SER A 289 7.31 -25.71 26.91
N VAL A 290 8.24 -25.89 25.99
CA VAL A 290 8.52 -27.21 25.40
C VAL A 290 9.94 -27.57 25.81
N MET A 291 10.20 -28.84 26.14
CA MET A 291 11.53 -29.24 26.59
CA MET A 291 11.50 -29.26 26.67
C MET A 291 11.81 -30.73 26.47
N THR A 292 13.12 -31.03 26.42
CA THR A 292 13.70 -32.36 26.64
C THR A 292 14.96 -32.03 27.44
N THR A 293 15.04 -32.56 28.65
CA THR A 293 16.10 -32.18 29.61
C THR A 293 17.48 -32.26 28.98
N ASN A 294 18.30 -31.25 29.29
CA ASN A 294 19.65 -31.07 28.73
C ASN A 294 19.78 -30.94 27.20
N ILE A 295 18.65 -30.86 26.47
CA ILE A 295 18.66 -30.79 25.00
C ILE A 295 18.03 -29.49 24.48
N TYR A 296 16.79 -29.20 24.90
CA TYR A 296 16.16 -27.91 24.62
C TYR A 296 15.16 -27.46 25.69
N LEU A 297 14.95 -26.15 25.75
CA LEU A 297 13.95 -25.55 26.60
C LEU A 297 13.57 -24.24 25.95
N ASN A 298 12.36 -24.20 25.36
CA ASN A 298 11.90 -23.09 24.54
C ASN A 298 10.47 -22.76 24.90
N SER A 299 10.04 -21.56 24.51
CA SER A 299 8.64 -21.19 24.65
C SER A 299 7.82 -22.00 23.64
N SER A 300 6.65 -22.43 24.08
CA SER A 300 5.69 -23.10 23.21
C SER A 300 5.18 -22.12 22.16
N LEU A 301 5.17 -22.57 20.90
CA LEU A 301 4.81 -21.73 19.75
C LEU A 301 3.39 -21.95 19.23
N TYR A 302 2.75 -23.06 19.61
CA TYR A 302 1.47 -23.42 19.01
C TYR A 302 0.37 -23.10 19.99
N ARG A 303 0.26 -21.83 20.35
CA ARG A 303 -0.68 -21.34 21.36
C ARG A 303 -1.57 -20.27 20.74
N GLY A 304 -2.81 -20.20 21.23
CA GLY A 304 -3.72 -19.12 20.88
C GLY A 304 -4.56 -19.40 19.64
N THR A 305 -5.32 -18.40 19.24
CA THR A 305 -6.22 -18.53 18.10
C THR A 305 -5.40 -18.41 16.82
N LYS A 306 -5.64 -19.32 15.89
CA LYS A 306 -5.01 -19.28 14.56
C LYS A 306 -5.60 -18.21 13.66
N PHE A 307 -4.72 -17.60 12.86
CA PHE A 307 -5.09 -16.61 11.84
C PHE A 307 -4.94 -17.30 10.49
N ILE A 308 -5.83 -16.96 9.57
CA ILE A 308 -5.73 -17.42 8.17
C ILE A 308 -5.80 -16.20 7.25
N ILE A 309 -4.86 -16.11 6.32
CA ILE A 309 -4.81 -15.00 5.40
C ILE A 309 -5.69 -15.35 4.21
N LYS A 310 -6.62 -14.45 3.88
CA LYS A 310 -7.58 -14.67 2.81
C LYS A 310 -7.37 -13.71 1.65
N LYS A 311 -7.50 -14.23 0.44
CA LYS A 311 -7.29 -13.44 -0.79
C LYS A 311 -8.41 -12.41 -0.96
N TYR A 312 -8.04 -11.16 -1.24
CA TYR A 312 -9.02 -10.10 -1.51
C TYR A 312 -8.69 -9.44 -2.84
N ALA A 313 -7.68 -8.58 -2.87
CA ALA A 313 -7.39 -7.77 -4.07
C ALA A 313 -6.39 -8.39 -5.05
N SER A 314 -5.54 -9.32 -4.59
CA SER A 314 -4.45 -9.82 -5.43
C SER A 314 -5.02 -10.56 -6.64
N GLY A 315 -4.51 -10.22 -7.83
CA GLY A 315 -4.87 -10.91 -9.06
C GLY A 315 -3.94 -12.08 -9.38
N ASN A 316 -2.95 -12.36 -8.53
CA ASN A 316 -2.02 -13.47 -8.75
C ASN A 316 -2.75 -14.77 -8.40
N LYS A 317 -2.55 -15.78 -9.24
CA LYS A 317 -3.27 -17.05 -9.13
C LYS A 317 -2.47 -18.16 -8.41
N ASP A 318 -1.28 -17.84 -7.90
CA ASP A 318 -0.57 -18.77 -7.01
C ASP A 318 -1.06 -18.52 -5.57
N ASN A 319 -0.40 -19.10 -4.58
CA ASN A 319 -0.92 -19.08 -3.22
C ASN A 319 -0.04 -18.30 -2.22
N ILE A 320 0.90 -17.55 -2.76
CA ILE A 320 1.90 -16.82 -2.01
C ILE A 320 1.38 -15.42 -1.66
N VAL A 321 1.69 -14.96 -0.45
CA VAL A 321 1.34 -13.61 -0.01
C VAL A 321 2.50 -12.69 -0.38
N ARG A 322 2.25 -11.79 -1.31
CA ARG A 322 3.25 -10.80 -1.75
C ARG A 322 3.19 -9.51 -0.95
N ASN A 323 4.35 -8.85 -0.87
CA ASN A 323 4.46 -7.52 -0.28
C ASN A 323 3.42 -6.58 -0.89
N ASN A 324 2.71 -5.86 -0.03
CA ASN A 324 1.60 -4.97 -0.42
C ASN A 324 0.29 -5.63 -0.82
N ASP A 325 0.20 -6.96 -0.78
CA ASP A 325 -1.10 -7.61 -1.00
C ASP A 325 -2.14 -7.08 -0.01
N ARG A 326 -3.34 -6.82 -0.53
CA ARG A 326 -4.46 -6.42 0.29
C ARG A 326 -5.33 -7.63 0.52
N VAL A 327 -5.51 -7.97 1.79
CA VAL A 327 -6.09 -9.25 2.23
C VAL A 327 -7.19 -9.03 3.28
N TYR A 328 -7.89 -10.11 3.57
CA TYR A 328 -8.66 -10.27 4.81
C TYR A 328 -7.95 -11.23 5.73
N ILE A 329 -8.18 -11.08 7.04
CA ILE A 329 -7.62 -11.97 8.05
C ILE A 329 -8.78 -12.67 8.78
N ASN A 330 -8.82 -13.98 8.72
CA ASN A 330 -9.77 -14.78 9.48
C ASN A 330 -9.13 -15.29 10.76
N VAL A 331 -9.91 -15.33 11.83
CA VAL A 331 -9.46 -15.83 13.13
C VAL A 331 -10.27 -17.09 13.37
N VAL A 332 -9.58 -18.16 13.76
CA VAL A 332 -10.20 -19.47 13.98
C VAL A 332 -10.53 -19.58 15.46
N VAL A 333 -11.82 -19.70 15.79
CA VAL A 333 -12.31 -19.91 17.17
C VAL A 333 -13.25 -21.10 17.14
N LYS A 334 -12.85 -22.18 17.82
CA LYS A 334 -13.65 -23.42 17.94
C LYS A 334 -13.93 -23.99 16.56
N ASN A 335 -12.88 -24.16 15.78
CA ASN A 335 -12.98 -24.73 14.43
C ASN A 335 -13.97 -23.98 13.52
N LYS A 336 -14.11 -22.67 13.72
CA LYS A 336 -14.97 -21.81 12.90
C LYS A 336 -14.19 -20.55 12.61
N GLU A 337 -14.42 -19.98 11.44
CA GLU A 337 -13.69 -18.81 11.00
C GLU A 337 -14.53 -17.57 11.17
N TYR A 338 -13.93 -16.56 11.80
CA TYR A 338 -14.52 -15.26 12.02
C TYR A 338 -13.61 -14.26 11.30
N ARG A 339 -14.04 -13.01 11.21
CA ARG A 339 -13.29 -12.02 10.47
C ARG A 339 -12.69 -11.00 11.45
N LEU A 340 -11.40 -10.72 11.29
CA LEU A 340 -10.73 -9.70 12.09
C LEU A 340 -11.23 -8.35 11.57
N ALA A 341 -11.76 -7.52 12.47
CA ALA A 341 -12.38 -6.27 12.06
C ALA A 341 -12.51 -5.31 13.21
N THR A 342 -12.81 -4.06 12.89
CA THR A 342 -13.02 -3.02 13.90
C THR A 342 -13.96 -1.94 13.37
N ASN A 343 -14.60 -1.24 14.30
CA ASN A 343 -15.30 0.02 14.01
C ASN A 343 -14.34 1.18 14.27
N ALA A 344 -13.80 1.75 13.18
CA ALA A 344 -12.80 2.82 13.25
C ALA A 344 -13.30 4.13 13.90
N SER A 345 -14.61 4.34 13.89
CA SER A 345 -15.26 5.48 14.55
C SER A 345 -15.05 5.59 16.07
N GLN A 346 -14.86 4.45 16.77
CA GLN A 346 -14.62 4.46 18.22
C GLN A 346 -13.53 5.51 18.56
N ALA A 347 -13.71 6.22 19.67
CA ALA A 347 -12.80 7.31 20.02
C ALA A 347 -11.41 6.81 20.42
N GLY A 348 -10.41 7.63 20.09
CA GLY A 348 -9.02 7.33 20.37
C GLY A 348 -8.37 6.79 19.11
N VAL A 349 -7.07 7.01 18.99
CA VAL A 349 -6.35 6.60 17.80
C VAL A 349 -6.31 5.04 17.71
N GLU A 350 -6.25 4.36 18.84
CA GLU A 350 -6.25 2.89 18.88
C GLU A 350 -7.65 2.32 18.60
N LYS A 351 -7.83 1.57 17.53
CA LYS A 351 -9.11 0.89 17.26
C LYS A 351 -9.02 -0.58 17.65
N ILE A 352 -9.72 -0.97 18.71
CA ILE A 352 -9.69 -2.34 19.20
C ILE A 352 -10.25 -3.33 18.15
N LEU A 353 -9.53 -4.42 17.91
CA LEU A 353 -9.95 -5.42 16.92
C LEU A 353 -10.81 -6.51 17.56
N SER A 354 -11.84 -6.96 16.84
CA SER A 354 -12.75 -8.02 17.29
C SER A 354 -12.79 -9.14 16.25
N ALA A 355 -13.38 -10.26 16.63
CA ALA A 355 -13.58 -11.41 15.75
C ALA A 355 -15.05 -11.49 15.36
N LEU A 356 -15.39 -11.05 14.15
CA LEU A 356 -16.78 -10.94 13.69
C LEU A 356 -17.25 -12.18 12.92
N GLU A 357 -18.53 -12.53 13.06
CA GLU A 357 -19.16 -13.47 12.13
C GLU A 357 -18.96 -12.92 10.74
N ILE A 358 -18.56 -13.77 9.80
CA ILE A 358 -18.19 -13.35 8.46
C ILE A 358 -19.35 -12.73 7.67
N PRO A 359 -20.56 -13.33 7.72
CA PRO A 359 -21.74 -12.70 7.09
C PRO A 359 -22.18 -11.35 7.66
N ASP A 360 -21.72 -11.01 8.87
CA ASP A 360 -22.17 -9.83 9.60
C ASP A 360 -21.13 -8.73 9.71
N VAL A 361 -20.04 -8.81 8.94
CA VAL A 361 -18.98 -7.79 8.99
C VAL A 361 -19.48 -6.44 8.45
N GLY A 362 -20.40 -6.49 7.49
CA GLY A 362 -21.06 -5.28 6.95
C GLY A 362 -20.05 -4.29 6.40
N ASN A 363 -20.05 -3.07 6.96
CA ASN A 363 -19.14 -2.00 6.56
C ASN A 363 -17.96 -1.77 7.53
N LEU A 364 -17.74 -2.72 8.44
CA LEU A 364 -16.63 -2.61 9.39
C LEU A 364 -15.30 -2.74 8.67
N SER A 365 -14.30 -2.02 9.15
CA SER A 365 -12.97 -2.09 8.56
C SER A 365 -12.33 -3.47 8.77
N GLN A 366 -11.86 -4.05 7.68
CA GLN A 366 -11.31 -5.41 7.63
C GLN A 366 -10.18 -5.64 6.59
N VAL A 367 -9.95 -4.71 5.67
CA VAL A 367 -8.95 -4.89 4.62
C VAL A 367 -7.57 -4.55 5.22
N VAL A 368 -6.63 -5.46 5.04
CA VAL A 368 -5.30 -5.38 5.62
C VAL A 368 -4.27 -5.38 4.49
N VAL A 369 -3.40 -4.38 4.49
CA VAL A 369 -2.25 -4.35 3.62
C VAL A 369 -1.16 -5.16 4.33
N MET A 370 -0.71 -6.24 3.71
CA MET A 370 0.43 -7.04 4.21
C MET A 370 1.77 -6.44 3.73
N LYS A 371 2.70 -6.23 4.65
CA LYS A 371 4.02 -5.64 4.37
C LYS A 371 5.12 -6.48 4.97
N SER A 372 6.13 -6.81 4.17
CA SER A 372 7.33 -7.45 4.66
C SER A 372 8.25 -6.36 5.16
N LYS A 373 8.97 -6.63 6.24
CA LYS A 373 9.90 -5.66 6.85
C LYS A 373 11.29 -6.30 6.96
N ASN A 374 12.27 -5.74 6.23
CA ASN A 374 13.66 -6.22 6.30
C ASN A 374 14.57 -5.10 6.78
N ILE A 378 17.05 -9.35 13.77
CA ILE A 378 16.34 -9.53 12.51
C ILE A 378 16.05 -11.00 12.24
N THR A 379 14.87 -11.28 11.66
CA THR A 379 14.34 -12.65 11.59
C THR A 379 13.47 -12.91 10.31
N ASN A 380 12.15 -12.64 10.36
CA ASN A 380 11.19 -12.72 9.17
C ASN A 380 9.93 -11.79 9.33
N LYS A 381 10.12 -10.48 9.56
CA LYS A 381 9.03 -9.57 10.06
C LYS A 381 7.86 -9.22 9.11
N CYS A 382 6.62 -9.32 9.63
CA CYS A 382 5.41 -8.87 8.93
C CYS A 382 4.69 -7.73 9.64
N LYS A 383 4.16 -6.81 8.85
CA LYS A 383 3.28 -5.77 9.31
C LYS A 383 1.92 -5.88 8.59
N MET A 384 0.90 -5.36 9.25
CA MET A 384 -0.47 -5.42 8.78
C MET A 384 -1.14 -4.07 8.98
N ASN A 385 -1.37 -3.37 7.87
CA ASN A 385 -1.92 -2.03 7.89
C ASN A 385 -3.40 -2.09 7.58
N LEU A 386 -4.23 -1.88 8.59
CA LEU A 386 -5.69 -1.93 8.41
C LEU A 386 -6.18 -0.70 7.67
N GLN A 387 -7.10 -0.93 6.74
CA GLN A 387 -7.70 0.12 5.97
C GLN A 387 -9.21 0.00 5.99
N ASP A 388 -9.90 1.14 5.96
CA ASP A 388 -11.36 1.16 5.84
C ASP A 388 -11.75 0.84 4.39
N ASN A 389 -13.05 0.77 4.11
CA ASN A 389 -13.48 0.39 2.76
C ASN A 389 -13.31 1.43 1.68
N ASN A 390 -12.87 2.63 2.06
CA ASN A 390 -12.40 3.64 1.12
C ASN A 390 -10.89 3.56 0.81
N GLY A 391 -10.20 2.62 1.45
CA GLY A 391 -8.77 2.48 1.32
C GLY A 391 -7.94 3.45 2.16
N ASN A 392 -8.59 4.11 3.12
CA ASN A 392 -7.87 5.00 4.03
C ASN A 392 -7.33 4.20 5.21
N ASP A 393 -6.13 4.57 5.63
CA ASP A 393 -5.43 3.92 6.73
C ASP A 393 -6.10 4.13 8.08
N ILE A 394 -6.33 3.02 8.77
CA ILE A 394 -6.71 2.99 10.19
C ILE A 394 -5.47 2.73 11.01
N GLY A 395 -4.60 1.88 10.50
CA GLY A 395 -3.23 1.83 10.99
C GLY A 395 -2.74 0.41 11.19
N PHE A 396 -1.45 0.33 11.52
CA PHE A 396 -0.78 -0.95 11.72
C PHE A 396 -1.40 -1.63 12.91
N ILE A 397 -1.57 -2.94 12.78
CA ILE A 397 -2.07 -3.79 13.84
C ILE A 397 -0.95 -4.07 14.82
N GLY A 398 -1.18 -3.69 16.07
CA GLY A 398 -0.33 -4.04 17.18
C GLY A 398 -1.19 -4.26 18.40
N PHE A 399 -0.85 -3.62 19.51
CA PHE A 399 -1.65 -3.75 20.74
C PHE A 399 -1.53 -2.54 21.64
N HIS A 400 -2.46 -2.44 22.56
CA HIS A 400 -2.50 -1.32 23.51
C HIS A 400 -3.05 -1.78 24.84
N GLN A 401 -2.46 -1.24 25.90
CA GLN A 401 -2.84 -1.57 27.27
C GLN A 401 -4.11 -0.79 27.61
N PHE A 402 -5.19 -1.49 27.91
CA PHE A 402 -6.45 -0.90 28.38
C PHE A 402 -6.77 -1.57 29.70
N ASN A 403 -6.59 -0.85 30.80
CA ASN A 403 -6.76 -1.40 32.14
C ASN A 403 -5.63 -2.46 32.30
N ASN A 404 -5.95 -3.67 32.71
CA ASN A 404 -4.92 -4.72 32.79
C ASN A 404 -4.54 -5.39 31.45
N ILE A 405 -5.27 -5.09 30.37
CA ILE A 405 -5.41 -5.97 29.20
C ILE A 405 -4.71 -5.44 27.92
N ALA A 406 -3.76 -6.21 27.38
CA ALA A 406 -3.10 -5.86 26.12
C ALA A 406 -3.95 -6.23 24.92
N LYS A 407 -4.93 -5.39 24.60
CA LYS A 407 -5.87 -5.66 23.50
C LYS A 407 -5.23 -5.38 22.16
N LEU A 408 -5.57 -6.18 21.13
CA LEU A 408 -5.10 -5.92 19.77
C LEU A 408 -5.83 -4.70 19.22
N VAL A 409 -5.08 -3.85 18.53
CA VAL A 409 -5.64 -2.64 17.94
C VAL A 409 -5.05 -2.37 16.56
N ALA A 410 -5.76 -1.57 15.76
CA ALA A 410 -5.14 -0.88 14.62
C ALA A 410 -4.90 0.56 15.05
N SER A 411 -3.72 1.10 14.80
CA SER A 411 -3.42 2.46 15.27
C SER A 411 -2.47 3.19 14.36
N ASN A 412 -2.92 4.30 13.79
CA ASN A 412 -2.04 5.21 13.01
C ASN A 412 -0.88 5.85 13.77
N TRP A 413 -0.95 5.82 15.10
CA TRP A 413 0.20 6.20 15.94
C TRP A 413 1.45 5.41 15.50
N TYR A 414 1.29 4.11 15.21
CA TYR A 414 2.38 3.29 14.68
C TYR A 414 2.94 3.82 13.34
N ASN A 415 2.05 4.13 12.42
CA ASN A 415 2.44 4.61 11.09
C ASN A 415 3.25 5.93 11.13
N ARG A 416 2.98 6.75 12.14
CA ARG A 416 3.61 8.07 12.36
C ARG A 416 4.95 8.06 13.12
N GLN A 417 5.46 6.89 13.55
CA GLN A 417 6.75 6.82 14.26
C GLN A 417 7.94 7.01 13.33
N SER A 422 11.10 0.83 14.88
CA SER A 422 12.10 -0.19 15.22
C SER A 422 11.45 -1.33 16.03
N ARG A 423 12.28 -2.24 16.56
CA ARG A 423 11.82 -3.31 17.48
C ARG A 423 11.25 -2.81 18.84
N THR A 424 11.10 -1.51 19.00
CA THR A 424 10.31 -0.89 20.09
C THR A 424 8.81 -1.16 19.94
N LEU A 425 8.30 -1.08 18.71
CA LEU A 425 6.86 -1.05 18.46
C LEU A 425 6.21 -2.42 18.50
N GLY A 426 4.95 -2.47 18.93
CA GLY A 426 4.21 -3.74 19.02
C GLY A 426 3.51 -4.13 17.72
N CYS A 427 3.93 -3.57 16.58
CA CYS A 427 3.24 -3.77 15.32
C CYS A 427 4.00 -4.69 14.36
N SER A 428 4.93 -5.48 14.89
CA SER A 428 5.66 -6.45 14.10
C SER A 428 5.21 -7.84 14.52
N TRP A 429 4.99 -8.69 13.53
CA TRP A 429 4.40 -9.98 13.75
C TRP A 429 5.13 -11.03 12.94
N GLU A 430 5.00 -12.27 13.40
CA GLU A 430 5.40 -13.44 12.64
C GLU A 430 4.26 -14.46 12.69
N PHE A 431 4.19 -15.28 11.64
CA PHE A 431 3.16 -16.28 11.42
C PHE A 431 3.81 -17.65 11.48
N ILE A 432 3.33 -18.52 12.37
CA ILE A 432 3.99 -19.78 12.70
C ILE A 432 3.08 -20.95 12.34
N PRO A 433 3.41 -21.69 11.25
CA PRO A 433 2.70 -22.93 10.95
C PRO A 433 3.36 -24.08 11.67
N VAL A 434 2.65 -25.19 11.78
CA VAL A 434 3.21 -26.39 12.36
C VAL A 434 4.27 -26.90 11.40
N ASP A 435 5.44 -27.24 11.93
CA ASP A 435 6.58 -27.67 11.14
C ASP A 435 7.31 -28.82 11.85
N ASP A 436 7.65 -29.87 11.09
CA ASP A 436 8.30 -31.06 11.64
C ASP A 436 9.62 -30.79 12.32
N GLY A 437 10.32 -29.74 11.88
CA GLY A 437 11.60 -29.41 12.49
C GLY A 437 11.51 -28.72 13.85
N TRP A 438 10.31 -28.43 14.33
CA TRP A 438 10.15 -27.83 15.64
C TRP A 438 9.79 -28.90 16.69
N GLY A 439 8.99 -29.90 16.31
CA GLY A 439 8.72 -31.05 17.18
C GLY A 439 7.59 -30.91 18.21
N GLU A 440 7.15 -29.68 18.48
CA GLU A 440 6.04 -29.43 19.42
C GLU A 440 4.75 -30.08 18.94
N ARG A 441 3.98 -30.63 19.87
CA ARG A 441 2.64 -31.16 19.56
C ARG A 441 1.60 -30.14 20.00
N PRO A 442 0.69 -29.76 19.10
CA PRO A 442 -0.32 -28.80 19.54
C PRO A 442 -1.15 -29.35 20.71
N LEU A 443 -1.56 -28.47 21.61
CA LEU A 443 -2.36 -28.88 22.77
C LEU A 443 -3.73 -29.38 22.33
N GLN A 444 -4.22 -28.85 21.21
CA GLN A 444 -5.49 -29.26 20.60
C GLN A 444 -5.54 -28.90 19.12
N HIS B 20 -30.52 5.83 14.68
CA HIS B 20 -31.53 6.82 15.18
C HIS B 20 -32.38 7.44 14.04
N MET B 21 -31.94 8.58 13.51
CA MET B 21 -32.84 9.52 12.79
C MET B 21 -32.60 9.61 11.28
N ASP B 22 -33.59 9.18 10.51
CA ASP B 22 -33.68 9.46 9.08
C ASP B 22 -34.20 10.88 8.93
N THR B 23 -33.35 11.80 8.46
CA THR B 23 -33.75 13.22 8.32
C THR B 23 -33.75 13.75 6.89
N SER B 24 -33.18 13.00 5.93
CA SER B 24 -33.35 13.31 4.50
C SER B 24 -34.78 13.02 4.08
N ILE B 25 -35.47 14.04 3.58
CA ILE B 25 -36.84 13.93 3.04
C ILE B 25 -36.90 14.02 1.50
N LEU B 26 -35.72 14.07 0.88
CA LEU B 26 -35.57 14.00 -0.57
C LEU B 26 -34.09 13.70 -0.81
N ASN B 27 -33.83 12.67 -1.61
CA ASN B 27 -32.48 12.24 -1.86
C ASN B 27 -32.33 11.77 -3.31
N LEU B 28 -31.86 12.65 -4.18
CA LEU B 28 -31.72 12.33 -5.63
C LEU B 28 -30.52 11.48 -5.92
N ARG B 29 -30.78 10.34 -6.54
CA ARG B 29 -29.72 9.38 -6.80
C ARG B 29 -30.05 8.62 -8.07
N TYR B 30 -29.01 8.22 -8.78
CA TYR B 30 -29.18 7.45 -9.99
C TYR B 30 -29.13 5.98 -9.57
N GLU B 31 -30.27 5.30 -9.64
CA GLU B 31 -30.34 3.86 -9.35
C GLU B 31 -31.21 3.11 -10.34
N SER B 32 -30.85 1.85 -10.60
CA SER B 32 -31.62 0.99 -11.51
C SER B 32 -31.95 1.74 -12.80
N ASN B 33 -30.92 2.30 -13.42
CA ASN B 33 -31.02 3.04 -14.68
C ASN B 33 -31.98 4.22 -14.73
N HIS B 34 -32.20 4.87 -13.59
CA HIS B 34 -33.14 5.97 -13.46
C HIS B 34 -32.66 6.90 -12.36
N LEU B 35 -32.87 8.19 -12.55
CA LEU B 35 -32.71 9.17 -11.47
C LEU B 35 -33.97 9.13 -10.64
N ILE B 36 -33.84 8.78 -9.36
CA ILE B 36 -34.97 8.60 -8.44
C ILE B 36 -34.71 9.28 -7.09
N ASP B 37 -35.77 9.48 -6.34
CA ASP B 37 -35.69 9.92 -4.94
C ASP B 37 -35.57 8.67 -4.08
N LEU B 38 -34.49 8.54 -3.32
CA LEU B 38 -34.32 7.43 -2.37
C LEU B 38 -35.10 7.56 -1.05
N SER B 39 -35.68 8.72 -0.75
CA SER B 39 -36.45 8.86 0.48
C SER B 39 -37.75 8.04 0.44
N ARG B 40 -38.24 7.73 1.63
CA ARG B 40 -39.55 7.08 1.83
C ARG B 40 -40.69 7.71 1.02
N TYR B 41 -40.59 9.01 0.75
CA TYR B 41 -41.62 9.76 0.02
C TYR B 41 -41.64 9.45 -1.46
N ALA B 42 -40.51 9.00 -2.00
CA ALA B 42 -40.39 8.71 -3.43
C ALA B 42 -41.11 9.77 -4.28
N SER B 43 -40.68 11.02 -4.12
CA SER B 43 -41.25 12.13 -4.89
C SER B 43 -40.91 11.94 -6.37
N LYS B 44 -41.80 12.40 -7.24
CA LYS B 44 -41.67 12.15 -8.68
C LYS B 44 -40.71 13.12 -9.33
N ILE B 45 -39.85 12.59 -10.21
CA ILE B 45 -38.88 13.36 -10.99
C ILE B 45 -39.36 13.42 -12.44
N ASN B 46 -39.44 14.63 -13.00
CA ASN B 46 -39.64 14.84 -14.44
C ASN B 46 -38.36 15.38 -15.05
N ILE B 47 -37.69 14.59 -15.90
CA ILE B 47 -36.44 14.99 -16.53
C ILE B 47 -36.75 15.54 -17.92
N GLY B 48 -36.37 16.78 -18.19
CA GLY B 48 -36.56 17.38 -19.52
C GLY B 48 -35.72 16.67 -20.56
N SER B 49 -36.02 16.91 -21.84
CA SER B 49 -35.34 16.21 -22.93
C SER B 49 -33.88 16.65 -23.17
N LYS B 50 -33.50 17.84 -22.70
CA LYS B 50 -32.13 18.37 -22.92
C LYS B 50 -31.27 18.40 -21.64
N VAL B 51 -31.44 17.39 -20.79
CA VAL B 51 -30.58 17.17 -19.63
C VAL B 51 -29.57 16.11 -19.99
N ASN B 52 -28.29 16.39 -19.76
CA ASN B 52 -27.22 15.43 -20.04
C ASN B 52 -26.71 14.75 -18.75
N PHE B 53 -26.39 13.46 -18.86
CA PHE B 53 -25.82 12.69 -17.75
C PHE B 53 -24.38 12.27 -18.10
N ASP B 54 -23.45 12.47 -17.18
CA ASP B 54 -22.07 12.04 -17.34
C ASP B 54 -22.05 10.50 -17.49
N PRO B 55 -21.52 10.00 -18.63
CA PRO B 55 -21.40 8.54 -18.86
C PRO B 55 -20.69 7.74 -17.76
N ILE B 56 -19.63 8.33 -17.21
CA ILE B 56 -18.79 7.68 -16.20
C ILE B 56 -19.45 7.71 -14.83
N ASP B 57 -20.28 8.72 -14.58
CA ASP B 57 -20.94 8.91 -13.30
C ASP B 57 -22.32 9.53 -13.54
N LYS B 58 -23.34 8.68 -13.66
CA LYS B 58 -24.65 9.14 -14.10
C LYS B 58 -25.44 9.89 -13.03
N ASN B 59 -24.85 10.04 -11.84
CA ASN B 59 -25.35 11.01 -10.87
C ASN B 59 -25.05 12.43 -11.19
N GLN B 60 -24.07 12.64 -12.08
CA GLN B 60 -23.67 13.97 -12.53
C GLN B 60 -24.59 14.41 -13.68
N ILE B 61 -25.32 15.51 -13.40
CA ILE B 61 -26.40 16.00 -14.22
C ILE B 61 -25.98 17.35 -14.79
N GLN B 62 -26.00 17.49 -16.10
CA GLN B 62 -25.67 18.74 -16.77
C GLN B 62 -26.94 19.47 -17.20
N LEU B 63 -27.10 20.70 -16.72
CA LEU B 63 -28.23 21.56 -17.08
C LEU B 63 -27.74 22.76 -17.89
N PHE B 64 -28.23 22.86 -19.13
CA PHE B 64 -27.88 23.95 -20.07
C PHE B 64 -28.89 25.09 -20.00
N ASN B 65 -28.60 26.19 -20.68
CA ASN B 65 -29.50 27.35 -20.69
C ASN B 65 -30.54 27.20 -21.79
N LEU B 66 -31.46 26.26 -21.55
CA LEU B 66 -32.49 25.85 -22.50
C LEU B 66 -33.75 25.49 -21.72
N GLU B 67 -34.91 25.69 -22.34
CA GLU B 67 -36.18 25.44 -21.66
C GLU B 67 -36.38 23.98 -21.29
N SER B 68 -35.91 23.07 -22.13
CA SER B 68 -36.06 21.63 -21.92
C SER B 68 -34.90 20.99 -21.17
N SER B 69 -33.95 21.80 -20.69
CA SER B 69 -32.86 21.32 -19.85
C SER B 69 -33.25 21.59 -18.40
N LYS B 70 -34.10 20.72 -17.88
CA LYS B 70 -34.64 20.94 -16.55
C LYS B 70 -34.96 19.62 -15.90
N ILE B 71 -34.94 19.63 -14.57
CA ILE B 71 -35.51 18.56 -13.77
C ILE B 71 -36.52 19.14 -12.80
N GLU B 72 -37.71 18.54 -12.76
CA GLU B 72 -38.74 18.95 -11.83
C GLU B 72 -39.05 17.83 -10.84
N VAL B 73 -38.97 18.16 -9.54
CA VAL B 73 -39.34 17.25 -8.47
C VAL B 73 -40.67 17.72 -7.88
N ILE B 74 -41.72 16.90 -7.97
CA ILE B 74 -43.00 17.26 -7.35
C ILE B 74 -43.07 16.59 -5.99
N LEU B 75 -43.10 17.42 -4.95
CA LEU B 75 -43.01 16.98 -3.58
C LEU B 75 -44.32 16.42 -3.10
N LYS B 76 -44.25 15.31 -2.37
CA LYS B 76 -45.41 14.83 -1.61
C LYS B 76 -45.86 16.00 -0.73
N ASN B 77 -47.18 16.20 -0.63
CA ASN B 77 -47.73 17.39 0.03
C ASN B 77 -47.31 17.57 1.50
N ALA B 78 -47.13 16.48 2.22
CA ALA B 78 -46.73 16.54 3.63
C ALA B 78 -45.33 17.09 3.86
N ILE B 79 -44.44 17.01 2.86
CA ILE B 79 -43.10 17.62 2.95
C ILE B 79 -42.96 18.95 2.18
N VAL B 80 -44.08 19.52 1.72
CA VAL B 80 -44.04 20.87 1.17
C VAL B 80 -43.80 21.81 2.35
N TYR B 81 -42.83 22.70 2.22
CA TYR B 81 -42.52 23.62 3.31
C TYR B 81 -43.57 24.70 3.40
N ASN B 82 -44.30 24.73 4.50
CA ASN B 82 -45.20 25.84 4.82
C ASN B 82 -45.23 26.03 6.33
N SER B 83 -44.42 26.95 6.84
CA SER B 83 -44.16 26.98 8.28
C SER B 83 -43.51 28.27 8.73
N MET B 84 -43.74 28.58 10.00
CA MET B 84 -43.10 29.66 10.72
C MET B 84 -41.94 29.18 11.60
N TYR B 85 -41.85 27.87 11.86
CA TYR B 85 -40.94 27.31 12.88
C TYR B 85 -40.09 26.08 12.45
N GLU B 86 -40.48 25.36 11.41
CA GLU B 86 -39.77 24.14 11.03
C GLU B 86 -38.36 24.41 10.51
N ASN B 87 -37.39 23.72 11.10
CA ASN B 87 -36.00 23.81 10.67
C ASN B 87 -35.77 22.93 9.46
N PHE B 88 -34.94 23.37 8.52
CA PHE B 88 -34.68 22.57 7.33
C PHE B 88 -33.33 22.91 6.71
N SER B 89 -32.77 21.95 5.99
CA SER B 89 -31.51 22.08 5.31
C SER B 89 -31.57 21.48 3.92
N THR B 90 -30.65 21.91 3.07
CA THR B 90 -30.43 21.28 1.77
C THR B 90 -28.94 21.05 1.58
N SER B 91 -28.60 20.04 0.77
CA SER B 91 -27.23 19.85 0.37
C SER B 91 -27.19 19.35 -1.06
N PHE B 92 -26.13 19.72 -1.76
CA PHE B 92 -25.89 19.25 -3.11
C PHE B 92 -24.46 19.54 -3.48
N TRP B 93 -24.02 18.88 -4.55
CA TRP B 93 -22.74 19.18 -5.15
C TRP B 93 -23.00 19.93 -6.44
N ILE B 94 -22.11 20.87 -6.77
CA ILE B 94 -22.25 21.67 -7.98
C ILE B 94 -20.87 21.90 -8.60
N ARG B 95 -20.81 21.87 -9.93
CA ARG B 95 -19.63 22.27 -10.67
C ARG B 95 -20.00 23.41 -11.61
N ILE B 96 -19.47 24.60 -11.33
CA ILE B 96 -19.84 25.84 -12.06
C ILE B 96 -18.71 26.27 -13.02
N PRO B 97 -18.97 26.24 -14.33
CA PRO B 97 -17.88 26.64 -15.24
C PRO B 97 -17.51 28.10 -15.05
N LYS B 98 -16.31 28.41 -15.52
CA LYS B 98 -15.77 29.73 -15.36
C LYS B 98 -16.68 30.70 -16.09
N TYR B 99 -16.86 31.86 -15.48
CA TYR B 99 -17.55 32.96 -16.13
C TYR B 99 -16.59 33.59 -17.15
N PHE B 100 -17.03 33.65 -18.41
CA PHE B 100 -16.16 34.02 -19.55
C PHE B 100 -16.32 35.43 -20.11
N ASN B 101 -17.55 35.96 -20.02
CA ASN B 101 -17.95 37.21 -20.67
C ASN B 101 -18.52 38.24 -19.69
N SER B 102 -18.43 39.52 -20.05
CA SER B 102 -19.00 40.59 -19.23
C SER B 102 -20.52 40.47 -19.08
N ILE B 103 -21.19 39.81 -20.03
CA ILE B 103 -22.61 39.51 -19.94
C ILE B 103 -23.03 38.75 -18.67
N SER B 104 -22.06 38.07 -18.04
CA SER B 104 -22.29 37.38 -16.76
C SER B 104 -22.06 38.24 -15.50
N LEU B 105 -21.52 39.46 -15.66
CA LEU B 105 -20.99 40.24 -14.52
C LEU B 105 -21.95 40.69 -13.41
N ASN B 106 -23.18 41.08 -13.75
CA ASN B 106 -24.23 41.41 -12.76
C ASN B 106 -25.51 40.74 -13.20
N ASN B 107 -25.52 39.42 -13.10
CA ASN B 107 -26.65 38.65 -13.62
C ASN B 107 -26.98 37.47 -12.70
N GLU B 108 -27.70 37.75 -11.62
CA GLU B 108 -28.15 36.70 -10.74
C GLU B 108 -29.11 35.82 -11.52
N TYR B 109 -28.87 34.50 -11.56
CA TYR B 109 -29.82 33.59 -12.20
C TYR B 109 -30.16 32.44 -11.26
N THR B 110 -31.44 32.09 -11.21
CA THR B 110 -31.90 31.00 -10.37
C THR B 110 -31.47 29.67 -10.95
N ILE B 111 -31.02 28.76 -10.10
CA ILE B 111 -30.73 27.40 -10.53
C ILE B 111 -31.64 26.34 -9.91
N ILE B 112 -32.00 26.52 -8.64
CA ILE B 112 -32.93 25.60 -7.97
C ILE B 112 -34.04 26.42 -7.34
N ASN B 113 -35.24 26.27 -7.88
CA ASN B 113 -36.33 27.14 -7.51
C ASN B 113 -37.35 26.38 -6.68
N CYS B 114 -37.67 26.88 -5.50
CA CYS B 114 -38.84 26.44 -4.75
C CYS B 114 -39.62 27.64 -4.19
N MET B 115 -39.74 28.70 -5.03
CA MET B 115 -40.53 29.91 -4.76
C MET B 115 -41.85 29.80 -5.50
N GLU B 116 -42.92 30.19 -4.84
CA GLU B 116 -44.25 30.28 -5.46
C GLU B 116 -44.94 31.47 -4.81
N ASN B 117 -45.63 32.26 -5.63
CA ASN B 117 -46.36 33.45 -5.15
C ASN B 117 -45.55 34.34 -4.22
N ASN B 118 -44.28 34.55 -4.57
CA ASN B 118 -43.34 35.40 -3.81
C ASN B 118 -43.00 34.92 -2.38
N SER B 119 -43.13 33.63 -2.11
CA SER B 119 -42.56 33.05 -0.88
C SER B 119 -41.87 31.73 -1.21
N GLY B 120 -40.86 31.38 -0.42
CA GLY B 120 -40.19 30.10 -0.51
C GLY B 120 -38.69 30.18 -0.31
N TRP B 121 -37.99 29.28 -0.99
CA TRP B 121 -36.54 29.29 -1.00
C TRP B 121 -36.05 29.02 -2.42
N LYS B 122 -34.85 29.51 -2.70
CA LYS B 122 -34.17 29.19 -3.96
C LYS B 122 -32.64 29.29 -3.81
N VAL B 123 -31.96 28.53 -4.66
CA VAL B 123 -30.53 28.65 -4.86
C VAL B 123 -30.34 29.41 -6.16
N SER B 124 -29.47 30.42 -6.16
CA SER B 124 -29.17 31.15 -7.39
C SER B 124 -27.67 31.38 -7.49
N LEU B 125 -27.22 31.79 -8.67
CA LEU B 125 -25.80 32.05 -8.92
C LEU B 125 -25.67 33.42 -9.57
N ASN B 126 -24.49 33.97 -9.43
CA ASN B 126 -24.07 35.16 -10.12
C ASN B 126 -22.60 34.96 -10.37
N TYR B 127 -22.00 35.92 -11.07
CA TYR B 127 -20.56 35.96 -11.24
C TYR B 127 -19.82 35.84 -9.89
N GLY B 128 -19.02 34.77 -9.73
CA GLY B 128 -18.30 34.51 -8.47
C GLY B 128 -19.16 34.27 -7.22
N GLU B 129 -20.41 33.86 -7.40
CA GLU B 129 -21.32 33.70 -6.26
C GLU B 129 -22.23 32.48 -6.29
N ILE B 130 -22.50 31.94 -5.10
CA ILE B 130 -23.57 30.98 -4.86
C ILE B 130 -24.47 31.62 -3.80
N ILE B 131 -25.78 31.68 -4.08
CA ILE B 131 -26.71 32.45 -3.25
C ILE B 131 -27.89 31.59 -2.81
N TRP B 132 -28.22 31.71 -1.52
CA TRP B 132 -29.43 31.12 -0.92
C TRP B 132 -30.34 32.25 -0.51
N THR B 133 -31.60 32.18 -0.94
CA THR B 133 -32.61 33.20 -0.65
C THR B 133 -33.83 32.53 -0.01
N LEU B 134 -34.23 33.04 1.15
CA LEU B 134 -35.51 32.73 1.78
C LEU B 134 -36.42 33.93 1.67
N GLN B 135 -37.70 33.72 1.45
CA GLN B 135 -38.67 34.83 1.49
C GLN B 135 -39.98 34.38 2.12
N ASP B 136 -40.49 35.19 3.04
CA ASP B 136 -41.74 34.89 3.75
C ASP B 136 -42.96 35.42 2.96
N THR B 137 -44.16 35.23 3.50
CA THR B 137 -45.39 35.59 2.78
C THR B 137 -45.73 37.08 2.87
N GLN B 138 -44.97 37.83 3.68
CA GLN B 138 -44.98 39.29 3.70
C GLN B 138 -43.82 39.90 2.89
N GLU B 139 -43.27 39.12 1.95
CA GLU B 139 -42.15 39.51 1.09
C GLU B 139 -40.85 39.94 1.80
N ILE B 140 -40.71 39.63 3.08
CA ILE B 140 -39.46 39.87 3.81
C ILE B 140 -38.45 38.75 3.48
N LYS B 141 -37.23 39.18 3.15
CA LYS B 141 -36.26 38.38 2.46
C LYS B 141 -34.94 38.34 3.26
N GLN B 142 -34.20 37.23 3.14
CA GLN B 142 -32.81 37.17 3.57
C GLN B 142 -32.00 36.30 2.59
N ARG B 143 -30.75 36.70 2.36
CA ARG B 143 -29.83 36.01 1.45
C ARG B 143 -28.59 35.61 2.26
N VAL B 144 -28.07 34.39 2.08
CA VAL B 144 -26.68 34.02 2.49
C VAL B 144 -25.88 33.63 1.25
N VAL B 145 -24.60 34.02 1.24
CA VAL B 145 -23.82 34.10 0.01
C VAL B 145 -22.42 33.52 0.19
N PHE B 146 -21.98 32.73 -0.81
CA PHE B 146 -20.59 32.31 -0.96
C PHE B 146 -19.98 33.07 -2.16
N LYS B 147 -18.87 33.76 -1.91
CA LYS B 147 -18.15 34.52 -2.94
C LYS B 147 -16.78 33.91 -3.26
N TYR B 148 -16.47 33.75 -4.55
CA TYR B 148 -15.14 33.29 -4.98
C TYR B 148 -14.62 34.18 -6.11
N SER B 149 -13.31 34.44 -6.13
CA SER B 149 -12.67 35.30 -7.14
C SER B 149 -12.35 34.55 -8.43
N GLN B 150 -12.39 35.25 -9.56
CA GLN B 150 -11.84 34.72 -10.81
C GLN B 150 -10.49 35.38 -11.17
N MET B 151 -9.98 36.23 -10.26
CA MET B 151 -8.64 36.83 -10.36
C MET B 151 -7.79 36.10 -9.34
N ILE B 152 -7.25 34.94 -9.74
CA ILE B 152 -6.67 33.99 -8.81
C ILE B 152 -5.84 32.96 -9.59
N ASN B 153 -4.66 32.66 -9.06
CA ASN B 153 -3.69 31.70 -9.63
C ASN B 153 -4.32 30.34 -10.00
N ILE B 154 -4.71 29.62 -8.97
CA ILE B 154 -5.36 28.31 -9.04
C ILE B 154 -6.57 28.43 -8.11
N SER B 155 -7.77 28.28 -8.67
CA SER B 155 -8.99 28.37 -7.87
C SER B 155 -9.36 26.99 -7.33
N ASP B 156 -9.72 26.94 -6.04
CA ASP B 156 -10.43 25.80 -5.41
C ASP B 156 -11.83 25.57 -5.99
N TYR B 157 -12.45 26.64 -6.48
CA TYR B 157 -13.88 26.66 -6.73
C TYR B 157 -14.30 26.74 -8.20
N ILE B 158 -13.50 27.35 -9.07
CA ILE B 158 -13.92 27.56 -10.46
C ILE B 158 -13.90 26.23 -11.23
N ASN B 159 -15.06 25.85 -11.76
CA ASN B 159 -15.15 24.64 -12.58
C ASN B 159 -14.76 23.33 -11.86
N ARG B 160 -14.76 23.36 -10.52
CA ARG B 160 -14.42 22.22 -9.70
C ARG B 160 -15.62 21.85 -8.82
N TRP B 161 -15.79 20.55 -8.59
CA TRP B 161 -16.88 20.06 -7.73
C TRP B 161 -16.81 20.67 -6.33
N ILE B 162 -17.91 21.32 -5.93
CA ILE B 162 -18.05 21.98 -4.62
C ILE B 162 -19.24 21.32 -3.89
N PHE B 163 -19.07 21.01 -2.63
CA PHE B 163 -20.21 20.51 -1.78
C PHE B 163 -20.87 21.65 -1.05
N VAL B 164 -22.14 21.91 -1.36
CA VAL B 164 -22.88 23.00 -0.78
C VAL B 164 -23.77 22.38 0.29
N THR B 165 -23.82 23.01 1.46
CA THR B 165 -24.83 22.69 2.47
C THR B 165 -25.37 23.99 3.05
N ILE B 166 -26.70 24.11 3.07
CA ILE B 166 -27.37 25.25 3.64
C ILE B 166 -28.29 24.78 4.77
N THR B 167 -28.19 25.40 5.93
CA THR B 167 -29.02 25.04 7.09
C THR B 167 -29.83 26.27 7.48
N ASN B 168 -31.04 26.04 8.01
CA ASN B 168 -31.97 27.09 8.39
C ASN B 168 -32.59 26.77 9.75
N ASN B 169 -32.31 27.61 10.73
CA ASN B 169 -32.89 27.52 12.04
C ASN B 169 -33.80 28.72 12.20
N ARG B 170 -35.10 28.47 12.35
CA ARG B 170 -36.10 29.54 12.36
C ARG B 170 -35.95 30.49 13.57
N LEU B 171 -35.32 30.04 14.65
CA LEU B 171 -35.08 30.88 15.83
C LEU B 171 -33.88 31.81 15.69
N ASN B 172 -32.98 31.54 14.75
CA ASN B 172 -31.77 32.39 14.61
C ASN B 172 -31.28 32.53 13.17
N ASN B 173 -30.45 31.59 12.69
CA ASN B 173 -29.64 31.81 11.50
C ASN B 173 -29.89 30.84 10.36
N SER B 174 -29.73 31.33 9.12
CA SER B 174 -29.41 30.47 7.99
C SER B 174 -27.89 30.44 7.88
N LYS B 175 -27.36 29.30 7.44
CA LYS B 175 -25.92 29.12 7.27
C LYS B 175 -25.62 28.48 5.94
N ILE B 176 -24.58 28.97 5.27
CA ILE B 176 -24.07 28.33 4.07
C ILE B 176 -22.67 27.78 4.32
N TYR B 177 -22.54 26.49 4.00
CA TYR B 177 -21.31 25.72 4.13
C TYR B 177 -20.82 25.35 2.75
N ILE B 178 -19.51 25.34 2.60
CA ILE B 178 -18.86 24.97 1.36
C ILE B 178 -17.83 23.93 1.72
N ASN B 179 -17.91 22.73 1.14
CA ASN B 179 -16.95 21.64 1.41
C ASN B 179 -16.78 21.35 2.90
N GLY B 180 -17.89 21.34 3.63
CA GLY B 180 -17.86 21.04 5.05
C GLY B 180 -17.54 22.19 5.99
N ARG B 181 -17.12 23.34 5.46
CA ARG B 181 -16.77 24.50 6.31
C ARG B 181 -17.78 25.62 6.20
N LEU B 182 -18.03 26.27 7.33
CA LEU B 182 -18.98 27.36 7.41
C LEU B 182 -18.39 28.60 6.75
N ILE B 183 -19.12 29.18 5.79
CA ILE B 183 -18.69 30.38 5.08
C ILE B 183 -19.33 31.62 5.69
N ASP B 184 -20.67 31.58 5.81
CA ASP B 184 -21.47 32.75 6.15
C ASP B 184 -22.72 32.32 6.94
N GLN B 185 -23.22 33.23 7.77
CA GLN B 185 -24.52 33.08 8.41
C GLN B 185 -25.21 34.45 8.48
N LYS B 186 -26.54 34.42 8.40
CA LYS B 186 -27.35 35.60 8.42
C LYS B 186 -28.58 35.34 9.26
N PRO B 187 -29.04 36.35 10.02
CA PRO B 187 -30.21 36.14 10.87
C PRO B 187 -31.46 35.98 10.01
N ILE B 188 -32.33 35.05 10.39
CA ILE B 188 -33.64 34.89 9.77
C ILE B 188 -34.83 34.88 10.73
N SER B 189 -34.58 35.15 12.02
CA SER B 189 -35.63 35.10 13.03
C SER B 189 -36.83 36.01 12.76
N ASN B 190 -36.59 37.11 12.05
CA ASN B 190 -37.65 38.05 11.67
C ASN B 190 -38.58 37.53 10.55
N LEU B 191 -38.18 36.52 9.78
CA LEU B 191 -39.08 35.93 8.76
C LEU B 191 -40.24 35.20 9.44
N GLY B 192 -41.45 35.40 8.92
CA GLY B 192 -42.67 34.81 9.46
C GLY B 192 -43.00 33.51 8.74
N ASN B 193 -44.24 33.34 8.30
CA ASN B 193 -44.57 32.11 7.56
C ASN B 193 -43.87 32.10 6.18
N ILE B 194 -43.20 31.00 5.86
CA ILE B 194 -42.58 30.79 4.57
C ILE B 194 -43.36 29.69 3.90
N HIS B 195 -44.00 29.99 2.77
CA HIS B 195 -44.79 29.00 2.05
C HIS B 195 -44.07 28.73 0.73
N ALA B 196 -43.32 27.63 0.67
CA ALA B 196 -42.52 27.29 -0.50
C ALA B 196 -43.36 26.57 -1.52
N SER B 197 -42.77 26.31 -2.67
CA SER B 197 -43.45 25.65 -3.78
C SER B 197 -43.66 24.15 -3.56
N ASN B 198 -44.70 23.63 -4.22
CA ASN B 198 -44.93 22.18 -4.36
C ASN B 198 -43.90 21.47 -5.23
N ASN B 199 -43.25 22.18 -6.14
N ASN B 199 -43.27 22.21 -6.14
CA ASN B 199 -42.24 21.58 -7.00
CA ASN B 199 -42.25 21.70 -7.06
C ASN B 199 -40.89 22.26 -6.79
C ASN B 199 -40.87 22.25 -6.68
N ILE B 200 -39.83 21.48 -6.98
CA ILE B 200 -38.45 22.01 -6.98
C ILE B 200 -38.00 21.97 -8.43
N MET B 201 -37.75 23.14 -9.01
CA MET B 201 -37.30 23.27 -10.40
C MET B 201 -35.78 23.47 -10.47
N PHE B 202 -35.10 22.47 -11.01
CA PHE B 202 -33.68 22.52 -11.35
C PHE B 202 -33.63 22.97 -12.81
N LYS B 203 -33.22 24.21 -13.02
CA LYS B 203 -33.31 24.88 -14.35
C LYS B 203 -32.65 26.24 -14.24
N LEU B 204 -31.85 26.60 -15.25
CA LEU B 204 -31.26 27.93 -15.30
C LEU B 204 -32.38 28.92 -15.68
N ASP B 205 -32.62 29.90 -14.81
CA ASP B 205 -33.74 30.85 -14.98
C ASP B 205 -33.19 32.29 -14.84
N GLY B 206 -33.39 33.09 -15.91
CA GLY B 206 -32.89 34.46 -15.97
C GLY B 206 -31.42 34.62 -16.31
N CYS B 207 -30.80 33.56 -16.83
CA CYS B 207 -29.41 33.62 -17.24
C CYS B 207 -29.26 34.20 -18.66
N ARG B 208 -28.55 35.32 -18.76
CA ARG B 208 -28.23 35.98 -20.05
C ARG B 208 -27.15 35.32 -20.89
N ASP B 209 -26.22 34.59 -20.27
CA ASP B 209 -25.19 33.88 -21.01
C ASP B 209 -25.82 32.63 -21.63
N THR B 210 -25.99 32.67 -22.94
CA THR B 210 -26.65 31.59 -23.69
C THR B 210 -25.88 30.24 -23.62
N HIS B 211 -24.56 30.30 -23.39
CA HIS B 211 -23.70 29.11 -23.31
C HIS B 211 -23.54 28.53 -21.90
N ARG B 212 -24.15 29.18 -20.91
CA ARG B 212 -24.02 28.78 -19.53
C ARG B 212 -24.61 27.40 -19.26
N TYR B 213 -23.97 26.66 -18.37
CA TYR B 213 -24.53 25.44 -17.83
C TYR B 213 -24.00 25.23 -16.41
N ILE B 214 -24.58 24.25 -15.72
CA ILE B 214 -24.02 23.74 -14.46
C ILE B 214 -24.04 22.21 -14.49
N TRP B 215 -23.14 21.61 -13.71
CA TRP B 215 -23.27 20.22 -13.32
C TRP B 215 -23.77 20.18 -11.89
N ILE B 216 -24.60 19.20 -11.58
CA ILE B 216 -25.11 19.06 -10.22
C ILE B 216 -25.26 17.60 -9.89
N LYS B 217 -25.17 17.26 -8.61
CA LYS B 217 -25.47 15.90 -8.15
C LYS B 217 -25.83 15.76 -6.66
N TYR B 218 -26.49 14.64 -6.35
CA TYR B 218 -26.84 14.26 -4.98
C TYR B 218 -27.65 15.35 -4.23
N PHE B 219 -28.66 15.92 -4.88
CA PHE B 219 -29.50 16.87 -4.15
C PHE B 219 -30.26 16.20 -2.98
N ASN B 220 -30.16 16.80 -1.82
CA ASN B 220 -30.90 16.38 -0.63
C ASN B 220 -31.66 17.54 0.03
N LEU B 221 -32.82 17.21 0.62
CA LEU B 221 -33.51 18.11 1.56
C LEU B 221 -33.61 17.38 2.87
N PHE B 222 -33.47 18.12 3.96
CA PHE B 222 -33.52 17.58 5.29
C PHE B 222 -34.50 18.34 6.15
N ASP B 223 -35.23 17.63 7.02
CA ASP B 223 -36.21 18.26 7.92
C ASP B 223 -35.67 18.68 9.29
N LYS B 224 -34.38 19.05 9.35
CA LYS B 224 -33.80 19.71 10.52
C LYS B 224 -32.65 20.65 10.11
N GLU B 225 -32.17 21.43 11.06
CA GLU B 225 -30.93 22.13 10.90
C GLU B 225 -29.79 21.16 11.13
N LEU B 226 -29.08 20.76 10.07
CA LEU B 226 -27.91 19.88 10.22
C LEU B 226 -26.84 20.57 11.06
N ASN B 227 -26.21 19.83 11.96
CA ASN B 227 -25.09 20.35 12.75
C ASN B 227 -23.76 20.05 12.03
N GLU B 228 -22.67 20.61 12.55
CA GLU B 228 -21.37 20.59 11.86
C GLU B 228 -20.83 19.18 11.62
N LYS B 229 -20.94 18.33 12.64
CA LYS B 229 -20.61 16.91 12.53
C LYS B 229 -21.35 16.21 11.39
N GLU B 230 -22.67 16.38 11.39
CA GLU B 230 -23.54 15.82 10.35
C GLU B 230 -23.10 16.27 8.95
N ILE B 231 -22.76 17.54 8.82
CA ILE B 231 -22.35 18.12 7.54
C ILE B 231 -21.02 17.50 7.10
N LYS B 232 -20.10 17.37 8.06
CA LYS B 232 -18.81 16.77 7.78
C LYS B 232 -18.94 15.32 7.33
N ASP B 233 -19.77 14.53 8.01
CA ASP B 233 -19.96 13.12 7.66
C ASP B 233 -20.66 12.95 6.31
N LEU B 234 -21.60 13.84 6.03
CA LEU B 234 -22.29 13.87 4.76
C LEU B 234 -21.29 14.18 3.63
N TYR B 235 -20.41 15.13 3.90
CA TYR B 235 -19.35 15.53 2.97
C TYR B 235 -18.38 14.37 2.70
N ASP B 236 -17.86 13.79 3.77
CA ASP B 236 -17.02 12.57 3.71
C ASP B 236 -17.67 11.39 2.97
N ASN B 237 -18.91 11.07 3.31
CA ASN B 237 -19.61 9.91 2.72
C ASN B 237 -19.99 10.09 1.26
N GLN B 238 -20.40 11.29 0.89
CA GLN B 238 -20.74 11.60 -0.49
C GLN B 238 -19.51 11.88 -1.39
N SER B 239 -18.34 12.13 -0.79
CA SER B 239 -17.08 12.30 -1.51
C SER B 239 -16.60 11.09 -2.35
N ASN B 240 -17.07 9.87 -2.02
CA ASN B 240 -16.61 8.63 -2.67
C ASN B 240 -15.09 8.52 -2.62
N SER B 241 -14.54 8.61 -1.42
CA SER B 241 -13.10 8.78 -1.29
C SER B 241 -12.26 7.51 -1.64
N GLY B 242 -12.92 6.39 -1.91
CA GLY B 242 -12.27 5.20 -2.46
C GLY B 242 -11.84 5.35 -3.90
N ILE B 243 -12.38 6.35 -4.59
CA ILE B 243 -12.05 6.64 -5.97
C ILE B 243 -11.22 7.93 -5.99
N LEU B 244 -10.09 7.89 -6.67
CA LEU B 244 -9.30 9.10 -6.83
C LEU B 244 -9.97 10.08 -7.80
N LYS B 245 -9.64 11.36 -7.64
CA LYS B 245 -10.24 12.43 -8.42
C LYS B 245 -9.23 13.15 -9.31
N ASP B 246 -9.71 13.62 -10.47
CA ASP B 246 -8.95 14.57 -11.29
C ASP B 246 -9.17 15.95 -10.72
N PHE B 247 -8.50 16.94 -11.31
CA PHE B 247 -8.50 18.28 -10.73
C PHE B 247 -9.90 18.87 -10.58
N TRP B 248 -10.76 18.58 -11.54
CA TRP B 248 -12.12 19.09 -11.55
C TRP B 248 -13.01 18.36 -10.53
N GLY B 249 -12.55 17.23 -9.98
CA GLY B 249 -13.31 16.44 -9.00
C GLY B 249 -14.03 15.27 -9.63
N ASP B 250 -13.83 15.03 -10.92
CA ASP B 250 -14.41 13.88 -11.57
C ASP B 250 -13.56 12.64 -11.23
N TYR B 251 -14.09 11.46 -11.51
CA TYR B 251 -13.29 10.26 -11.28
C TYR B 251 -11.98 10.31 -12.14
N LEU B 252 -10.85 10.11 -11.48
CA LEU B 252 -9.56 9.87 -12.12
C LEU B 252 -9.61 8.56 -12.90
N GLN B 253 -9.04 8.57 -14.10
CA GLN B 253 -9.20 7.48 -15.07
C GLN B 253 -7.87 6.99 -15.61
N TYR B 254 -7.86 5.70 -15.98
CA TYR B 254 -6.78 5.10 -16.73
C TYR B 254 -6.92 5.48 -18.23
N ASP B 255 -5.80 5.50 -18.95
CA ASP B 255 -5.76 5.70 -20.42
C ASP B 255 -6.38 7.01 -20.87
N LYS B 256 -6.12 8.06 -20.09
CA LYS B 256 -6.72 9.34 -20.30
C LYS B 256 -5.60 10.36 -20.09
N PRO B 257 -5.25 11.12 -21.14
CA PRO B 257 -4.13 12.02 -20.98
C PRO B 257 -4.49 13.14 -20.04
N TYR B 258 -3.58 13.46 -19.12
CA TYR B 258 -3.78 14.53 -18.16
C TYR B 258 -2.60 15.47 -18.15
N TYR B 259 -2.89 16.78 -18.05
CA TYR B 259 -1.87 17.80 -17.80
C TYR B 259 -1.61 17.81 -16.31
N MET B 260 -0.35 17.99 -15.93
CA MET B 260 0.05 17.84 -14.54
C MET B 260 0.29 19.15 -13.88
N LEU B 261 -0.18 19.25 -12.63
CA LEU B 261 0.00 20.46 -11.86
C LEU B 261 0.61 20.05 -10.54
N ASN B 262 1.75 20.63 -10.20
CA ASN B 262 2.29 20.48 -8.86
C ASN B 262 1.83 21.66 -8.01
N LEU B 263 1.14 21.36 -6.92
CA LEU B 263 0.50 22.39 -6.11
C LEU B 263 1.46 23.33 -5.42
N VAL B 264 2.63 22.85 -5.00
CA VAL B 264 3.57 23.72 -4.29
C VAL B 264 4.44 24.53 -5.24
N ASP B 265 4.53 24.11 -6.51
CA ASP B 265 5.27 24.82 -7.55
C ASP B 265 4.33 25.08 -8.75
N PRO B 266 3.26 25.87 -8.51
CA PRO B 266 2.19 25.98 -9.51
C PRO B 266 2.53 26.81 -10.74
N ASN B 267 3.63 27.56 -10.72
CA ASN B 267 3.98 28.41 -11.85
C ASN B 267 4.89 27.71 -12.85
N LYS B 268 5.04 26.39 -12.72
CA LYS B 268 5.91 25.56 -13.55
C LYS B 268 5.15 24.38 -14.15
N TYR B 269 5.70 23.83 -15.22
CA TYR B 269 5.10 22.67 -15.91
C TYR B 269 6.16 21.61 -16.10
N VAL B 270 5.72 20.39 -16.41
CA VAL B 270 6.61 19.27 -16.56
C VAL B 270 7.21 19.26 -17.97
N ASP B 271 8.53 19.11 -18.04
CA ASP B 271 9.26 19.01 -19.31
C ASP B 271 10.24 17.83 -19.22
N VAL B 272 10.78 17.42 -20.37
CA VAL B 272 11.77 16.37 -20.46
C VAL B 272 12.85 16.88 -21.39
N ASN B 273 14.11 16.84 -20.92
CA ASN B 273 15.24 17.28 -21.74
C ASN B 273 15.49 16.28 -22.87
N ASN B 274 15.55 15.00 -22.48
CA ASN B 274 15.74 13.88 -23.40
C ASN B 274 15.18 12.61 -22.74
N VAL B 275 14.68 11.72 -23.59
CA VAL B 275 14.15 10.42 -23.17
C VAL B 275 15.32 9.46 -22.94
N GLY B 276 15.05 8.39 -22.20
CA GLY B 276 16.08 7.43 -21.81
C GLY B 276 16.63 7.73 -20.44
N ILE B 277 17.39 6.77 -19.93
CA ILE B 277 17.89 6.78 -18.55
C ILE B 277 18.86 7.92 -18.20
N ARG B 278 19.48 8.51 -19.22
CA ARG B 278 20.41 9.65 -18.99
C ARG B 278 19.67 10.98 -18.98
N GLY B 279 18.48 11.03 -19.60
CA GLY B 279 17.61 12.18 -19.52
C GLY B 279 16.86 12.25 -18.20
N TYR B 280 16.11 13.33 -18.02
CA TYR B 280 15.34 13.53 -16.79
C TYR B 280 14.04 14.30 -17.03
N MET B 281 13.06 14.04 -16.17
CA MET B 281 11.83 14.84 -16.12
C MET B 281 12.06 15.96 -15.12
N TYR B 282 11.55 17.15 -15.43
CA TYR B 282 11.74 18.31 -14.53
C TYR B 282 10.59 19.31 -14.64
N LEU B 283 10.56 20.22 -13.67
CA LEU B 283 9.64 21.36 -13.66
C LEU B 283 10.35 22.63 -14.17
N LYS B 284 9.67 23.39 -15.01
CA LYS B 284 10.22 24.67 -15.49
C LYS B 284 9.08 25.59 -15.87
N GLY B 285 9.42 26.86 -16.13
CA GLY B 285 8.45 27.92 -16.34
C GLY B 285 8.71 28.64 -17.65
N PRO B 286 7.79 29.52 -18.08
CA PRO B 286 6.57 29.88 -17.35
C PRO B 286 5.38 28.97 -17.68
N ARG B 287 4.61 28.61 -16.67
CA ARG B 287 3.30 28.00 -16.91
C ARG B 287 2.47 28.97 -17.74
N GLY B 288 2.52 30.25 -17.38
CA GLY B 288 1.79 31.28 -18.11
C GLY B 288 0.36 31.41 -17.60
N SER B 289 -0.40 32.27 -18.26
CA SER B 289 -1.73 32.69 -17.81
C SER B 289 -2.76 32.68 -18.92
N VAL B 290 -4.03 32.53 -18.52
CA VAL B 290 -5.18 32.81 -19.37
C VAL B 290 -5.97 33.99 -18.77
N MET B 291 -6.56 34.81 -19.64
CA MET B 291 -7.35 35.96 -19.20
C MET B 291 -8.37 36.45 -20.22
N THR B 292 -9.44 37.04 -19.67
CA THR B 292 -10.32 37.93 -20.40
C THR B 292 -10.43 39.13 -19.45
N THR B 293 -10.04 40.31 -19.95
CA THR B 293 -9.93 41.55 -19.16
C THR B 293 -11.19 41.81 -18.31
N ASN B 294 -11.00 42.02 -17.00
CA ASN B 294 -12.08 42.25 -16.03
C ASN B 294 -12.99 41.02 -15.70
N ILE B 295 -12.74 39.86 -16.32
CA ILE B 295 -13.58 38.69 -16.13
C ILE B 295 -12.79 37.61 -15.40
N TYR B 296 -11.62 37.24 -15.93
CA TYR B 296 -10.74 36.26 -15.26
C TYR B 296 -9.28 36.49 -15.55
N LEU B 297 -8.46 36.04 -14.60
CA LEU B 297 -7.02 35.95 -14.77
C LEU B 297 -6.52 34.79 -13.92
N ASN B 298 -6.06 33.73 -14.60
CA ASN B 298 -5.62 32.48 -13.96
C ASN B 298 -4.36 31.93 -14.61
N SER B 299 -3.71 31.02 -13.89
CA SER B 299 -2.59 30.25 -14.46
C SER B 299 -3.15 29.31 -15.53
N SER B 300 -2.41 29.19 -16.63
CA SER B 300 -2.72 28.25 -17.72
C SER B 300 -2.68 26.82 -17.19
N LEU B 301 -3.67 26.01 -17.55
CA LEU B 301 -3.71 24.64 -17.04
C LEU B 301 -3.25 23.55 -18.01
N TYR B 302 -3.22 23.83 -19.30
CA TYR B 302 -2.93 22.79 -20.28
C TYR B 302 -1.47 22.86 -20.73
N ARG B 303 -0.56 22.58 -19.80
CA ARG B 303 0.88 22.81 -20.02
C ARG B 303 1.70 21.60 -19.68
N GLY B 304 2.79 21.42 -20.42
CA GLY B 304 3.79 20.41 -20.10
C GLY B 304 3.45 19.05 -20.67
N THR B 305 4.33 18.07 -20.41
CA THR B 305 4.15 16.71 -20.87
C THR B 305 2.98 16.09 -20.15
N LYS B 306 2.05 15.53 -20.92
CA LYS B 306 0.88 14.88 -20.38
C LYS B 306 1.31 13.53 -19.73
N PHE B 307 0.55 13.07 -18.74
CA PHE B 307 0.73 11.78 -18.08
C PHE B 307 -0.48 10.92 -18.43
N ILE B 308 -0.27 9.62 -18.61
CA ILE B 308 -1.36 8.70 -18.81
C ILE B 308 -1.15 7.59 -17.76
N ILE B 309 -2.20 7.30 -17.00
CA ILE B 309 -2.15 6.32 -15.94
C ILE B 309 -2.48 5.01 -16.59
N LYS B 310 -1.59 4.04 -16.40
CA LYS B 310 -1.72 2.75 -17.06
C LYS B 310 -1.98 1.69 -16.01
N LYS B 311 -2.84 0.75 -16.37
CA LYS B 311 -3.19 -0.35 -15.50
C LYS B 311 -2.00 -1.27 -15.25
N TYR B 312 -1.83 -1.65 -13.98
CA TYR B 312 -0.84 -2.66 -13.59
C TYR B 312 -1.52 -3.77 -12.82
N ALA B 313 -1.92 -3.50 -11.59
CA ALA B 313 -2.35 -4.53 -10.63
C ALA B 313 -3.86 -4.70 -10.43
N SER B 314 -4.65 -3.67 -10.73
CA SER B 314 -6.10 -3.71 -10.49
C SER B 314 -6.80 -4.68 -11.46
N GLY B 315 -7.70 -5.50 -10.91
CA GLY B 315 -8.57 -6.38 -11.69
C GLY B 315 -10.00 -5.87 -11.84
N ASN B 316 -10.21 -4.55 -11.73
CA ASN B 316 -11.50 -3.94 -12.04
C ASN B 316 -11.55 -3.67 -13.55
N LYS B 317 -12.62 -4.12 -14.20
CA LYS B 317 -12.74 -4.04 -15.67
C LYS B 317 -13.02 -2.65 -16.25
N ASP B 318 -13.52 -1.71 -15.44
CA ASP B 318 -13.67 -0.30 -15.85
C ASP B 318 -12.32 0.44 -15.89
N ASN B 319 -12.34 1.72 -16.24
CA ASN B 319 -11.14 2.56 -16.30
C ASN B 319 -10.99 3.56 -15.16
N ILE B 320 -11.70 3.37 -14.04
CA ILE B 320 -11.56 4.30 -12.88
C ILE B 320 -10.34 3.95 -12.05
N VAL B 321 -9.62 4.96 -11.57
CA VAL B 321 -8.43 4.76 -10.72
C VAL B 321 -8.87 4.83 -9.27
N ARG B 322 -8.75 3.70 -8.57
CA ARG B 322 -9.16 3.61 -7.16
C ARG B 322 -8.02 3.88 -6.21
N ASN B 323 -8.36 4.31 -5.02
CA ASN B 323 -7.41 4.54 -3.94
C ASN B 323 -6.63 3.27 -3.70
N ASN B 324 -5.31 3.41 -3.53
CA ASN B 324 -4.35 2.30 -3.43
C ASN B 324 -4.12 1.47 -4.71
N ASP B 325 -4.66 1.87 -5.86
CA ASP B 325 -4.29 1.15 -7.10
C ASP B 325 -2.78 1.27 -7.32
N ARG B 326 -2.20 0.18 -7.81
CA ARG B 326 -0.82 0.20 -8.26
C ARG B 326 -0.86 0.31 -9.76
N VAL B 327 -0.06 1.24 -10.28
CA VAL B 327 -0.15 1.64 -11.70
C VAL B 327 1.23 1.83 -12.30
N TYR B 328 1.27 2.01 -13.62
CA TYR B 328 2.39 2.66 -14.26
C TYR B 328 1.96 4.05 -14.71
N ILE B 329 2.95 4.92 -14.91
CA ILE B 329 2.73 6.25 -15.47
C ILE B 329 3.46 6.41 -16.80
N ASN B 330 2.70 6.59 -17.87
CA ASN B 330 3.26 6.93 -19.17
C ASN B 330 3.39 8.43 -19.31
N VAL B 331 4.39 8.86 -20.08
CA VAL B 331 4.64 10.27 -20.38
C VAL B 331 4.64 10.46 -21.88
N VAL B 332 3.85 11.44 -22.34
CA VAL B 332 3.65 11.73 -23.76
C VAL B 332 4.61 12.84 -24.15
N VAL B 333 5.61 12.50 -24.99
CA VAL B 333 6.52 13.48 -25.60
C VAL B 333 6.32 13.33 -27.10
N LYS B 334 5.83 14.39 -27.74
CA LYS B 334 5.62 14.42 -29.18
C LYS B 334 4.69 13.29 -29.67
N ASN B 335 3.55 13.14 -29.01
CA ASN B 335 2.56 12.09 -29.35
C ASN B 335 3.15 10.65 -29.38
N LYS B 336 4.18 10.40 -28.57
CA LYS B 336 4.68 9.05 -28.36
C LYS B 336 4.84 8.85 -26.86
N GLU B 337 4.52 7.65 -26.40
CA GLU B 337 4.46 7.36 -24.95
C GLU B 337 5.75 6.72 -24.43
N TYR B 338 6.24 7.25 -23.31
CA TYR B 338 7.40 6.74 -22.59
C TYR B 338 6.97 6.34 -21.18
N ARG B 339 7.80 5.54 -20.49
CA ARG B 339 7.50 5.04 -19.16
C ARG B 339 8.28 5.84 -18.13
N LEU B 340 7.57 6.36 -17.12
CA LEU B 340 8.22 7.02 -15.99
C LEU B 340 8.87 5.97 -15.14
N ALA B 341 10.16 6.17 -14.84
CA ALA B 341 10.94 5.19 -14.11
C ALA B 341 12.20 5.79 -13.52
N THR B 342 12.80 5.05 -12.59
CA THR B 342 14.10 5.44 -12.02
C THR B 342 14.97 4.26 -11.60
N ASN B 343 16.27 4.47 -11.58
CA ASN B 343 17.21 3.54 -10.94
C ASN B 343 17.41 3.96 -9.48
N ALA B 344 16.84 3.18 -8.55
CA ALA B 344 16.87 3.52 -7.12
C ALA B 344 18.26 3.38 -6.47
N SER B 345 19.19 2.70 -7.14
CA SER B 345 20.54 2.52 -6.61
C SER B 345 21.37 3.81 -6.58
N GLN B 346 20.96 4.83 -7.35
CA GLN B 346 21.67 6.11 -7.38
C GLN B 346 21.84 6.74 -6.00
N ALA B 347 22.93 7.49 -5.85
CA ALA B 347 23.33 8.09 -4.59
C ALA B 347 22.29 9.06 -4.08
N GLY B 348 22.06 9.05 -2.78
CA GLY B 348 21.12 9.95 -2.14
C GLY B 348 19.68 9.45 -2.15
N VAL B 349 18.85 10.08 -1.32
CA VAL B 349 17.48 9.65 -1.12
C VAL B 349 16.63 10.00 -2.34
N GLU B 350 16.92 11.13 -2.99
CA GLU B 350 16.15 11.57 -4.17
C GLU B 350 16.55 10.79 -5.44
N LYS B 351 15.63 10.00 -5.98
CA LYS B 351 15.87 9.23 -7.21
C LYS B 351 15.29 10.02 -8.39
N ILE B 352 16.16 10.56 -9.23
CA ILE B 352 15.72 11.37 -10.36
C ILE B 352 14.91 10.51 -11.34
N LEU B 353 13.80 11.04 -11.85
CA LEU B 353 12.94 10.28 -12.74
C LEU B 353 13.27 10.60 -14.19
N SER B 354 13.17 9.58 -15.04
CA SER B 354 13.43 9.65 -16.44
C SER B 354 12.23 9.08 -17.18
N ALA B 355 12.13 9.41 -18.47
CA ALA B 355 11.08 8.90 -19.35
C ALA B 355 11.75 7.91 -20.30
N LEU B 356 11.48 6.63 -20.07
CA LEU B 356 12.16 5.55 -20.75
C LEU B 356 11.35 5.05 -21.94
N GLU B 357 12.05 4.54 -22.95
CA GLU B 357 11.34 3.76 -23.97
C GLU B 357 10.74 2.57 -23.23
N ILE B 358 9.46 2.30 -23.47
CA ILE B 358 8.75 1.27 -22.71
C ILE B 358 9.39 -0.13 -22.82
N PRO B 359 9.93 -0.49 -24.01
CA PRO B 359 10.76 -1.71 -24.10
C PRO B 359 12.10 -1.72 -23.33
N ASP B 360 12.61 -0.56 -22.92
CA ASP B 360 13.92 -0.48 -22.25
C ASP B 360 13.85 -0.35 -20.73
N VAL B 361 12.66 -0.50 -20.12
CA VAL B 361 12.53 -0.23 -18.69
C VAL B 361 13.26 -1.32 -17.91
N GLY B 362 13.18 -2.56 -18.39
CA GLY B 362 13.84 -3.69 -17.74
C GLY B 362 13.34 -3.85 -16.31
N ASN B 363 14.28 -3.91 -15.36
CA ASN B 363 13.98 -4.02 -13.94
C ASN B 363 13.97 -2.69 -13.18
N LEU B 364 14.04 -1.57 -13.89
CA LEU B 364 14.00 -0.26 -13.21
C LEU B 364 12.67 -0.09 -12.48
N SER B 365 12.69 0.66 -11.38
CA SER B 365 11.49 0.95 -10.63
C SER B 365 10.50 1.87 -11.38
N GLN B 366 9.27 1.38 -11.53
CA GLN B 366 8.18 2.03 -12.25
C GLN B 366 6.75 1.85 -11.63
N VAL B 367 6.57 0.92 -10.70
CA VAL B 367 5.25 0.67 -10.09
C VAL B 367 4.90 1.81 -9.10
N VAL B 368 3.73 2.42 -9.29
CA VAL B 368 3.32 3.59 -8.52
C VAL B 368 2.04 3.29 -7.74
N VAL B 369 2.05 3.52 -6.43
CA VAL B 369 0.84 3.38 -5.61
C VAL B 369 0.12 4.71 -5.65
N MET B 370 -1.08 4.72 -6.22
CA MET B 370 -1.89 5.95 -6.26
C MET B 370 -2.61 6.09 -4.93
N LYS B 371 -2.51 7.28 -4.31
CA LYS B 371 -3.14 7.51 -2.99
C LYS B 371 -3.85 8.86 -2.92
N SER B 372 -4.89 8.93 -2.10
CA SER B 372 -5.51 10.21 -1.71
C SER B 372 -4.83 10.81 -0.48
N ILE B 378 -6.96 22.20 -0.55
CA ILE B 378 -7.51 22.05 -1.90
C ILE B 378 -7.89 20.58 -2.17
N THR B 379 -9.07 20.35 -2.71
CA THR B 379 -9.57 18.99 -2.97
C THR B 379 -8.83 18.28 -4.10
N ASN B 380 -9.00 16.95 -4.17
CA ASN B 380 -8.55 16.12 -5.30
C ASN B 380 -7.03 15.97 -5.42
N LYS B 381 -6.30 16.12 -4.30
CA LYS B 381 -4.85 15.87 -4.29
C LYS B 381 -4.59 14.37 -4.44
N CYS B 382 -3.66 14.01 -5.33
CA CYS B 382 -3.17 12.66 -5.41
C CYS B 382 -1.70 12.60 -5.07
N LYS B 383 -1.34 11.52 -4.39
CA LYS B 383 0.05 11.16 -4.16
C LYS B 383 0.41 9.97 -5.04
N MET B 384 1.66 9.96 -5.49
CA MET B 384 2.20 8.87 -6.29
C MET B 384 3.42 8.29 -5.57
N ASN B 385 3.28 7.10 -4.98
CA ASN B 385 4.36 6.43 -4.23
C ASN B 385 5.03 5.36 -5.08
N LEU B 386 6.21 5.67 -5.59
CA LEU B 386 6.98 4.71 -6.39
C LEU B 386 7.53 3.61 -5.48
N GLN B 387 7.44 2.38 -5.99
CA GLN B 387 8.02 1.21 -5.32
C GLN B 387 8.92 0.45 -6.29
N ASP B 388 9.92 -0.23 -5.73
CA ASP B 388 10.76 -1.11 -6.54
C ASP B 388 10.01 -2.40 -6.87
N ASN B 389 10.64 -3.31 -7.59
CA ASN B 389 9.97 -4.54 -8.01
C ASN B 389 9.75 -5.57 -6.87
N ASN B 390 10.32 -5.31 -5.70
CA ASN B 390 10.00 -6.05 -4.49
C ASN B 390 8.90 -5.42 -3.61
N GLY B 391 8.26 -4.35 -4.07
CA GLY B 391 7.21 -3.72 -3.31
C GLY B 391 7.73 -2.75 -2.25
N ASN B 392 9.02 -2.46 -2.25
CA ASN B 392 9.59 -1.54 -1.27
C ASN B 392 9.53 -0.10 -1.75
N ASP B 393 9.17 0.79 -0.83
CA ASP B 393 8.98 2.19 -1.12
C ASP B 393 10.31 2.84 -1.51
N ILE B 394 10.32 3.46 -2.69
CA ILE B 394 11.34 4.43 -3.09
C ILE B 394 10.84 5.86 -2.81
N GLY B 395 9.51 6.03 -2.72
CA GLY B 395 8.91 7.19 -2.07
C GLY B 395 8.02 7.99 -2.98
N PHE B 396 7.45 9.04 -2.42
CA PHE B 396 6.48 9.86 -3.14
C PHE B 396 7.18 10.68 -4.23
N ILE B 397 6.50 10.84 -5.36
CA ILE B 397 7.05 11.57 -6.49
C ILE B 397 6.86 13.06 -6.24
N GLY B 398 7.95 13.80 -6.29
CA GLY B 398 7.93 15.26 -6.14
C GLY B 398 9.03 15.86 -7.00
N PHE B 399 9.72 16.85 -6.45
CA PHE B 399 10.86 17.42 -7.11
C PHE B 399 11.92 17.87 -6.13
N HIS B 400 13.12 18.05 -6.66
CA HIS B 400 14.24 18.50 -5.87
C HIS B 400 15.13 19.35 -6.75
N GLN B 401 15.64 20.45 -6.19
CA GLN B 401 16.54 21.34 -6.90
C GLN B 401 17.89 20.66 -6.96
N PHE B 402 18.36 20.38 -8.18
CA PHE B 402 19.72 19.86 -8.34
C PHE B 402 20.64 21.01 -8.71
N ASN B 403 20.81 21.87 -7.69
CA ASN B 403 21.64 23.07 -7.71
C ASN B 403 21.54 23.91 -8.99
N ASN B 404 20.35 23.92 -9.60
CA ASN B 404 20.14 24.43 -10.97
C ASN B 404 18.73 24.17 -11.53
N ILE B 405 18.33 22.89 -11.56
CA ILE B 405 17.15 22.40 -12.28
C ILE B 405 16.22 21.65 -11.31
N ALA B 406 14.91 21.91 -11.44
CA ALA B 406 13.87 21.33 -10.57
C ALA B 406 13.44 19.95 -11.09
N LYS B 407 14.32 18.97 -10.88
CA LYS B 407 14.13 17.63 -11.45
C LYS B 407 13.07 16.88 -10.66
N LEU B 408 12.28 16.08 -11.36
CA LEU B 408 11.32 15.21 -10.67
C LEU B 408 12.10 14.12 -9.98
N VAL B 409 11.71 13.80 -8.75
CA VAL B 409 12.33 12.73 -7.99
C VAL B 409 11.28 11.91 -7.27
N ALA B 410 11.60 10.65 -7.03
CA ALA B 410 10.91 9.86 -6.00
C ALA B 410 11.82 9.91 -4.78
N SER B 411 11.25 10.10 -3.58
CA SER B 411 12.05 10.35 -2.39
C SER B 411 11.29 9.97 -1.13
N ASN B 412 11.90 9.09 -0.33
CA ASN B 412 11.33 8.66 0.95
C ASN B 412 11.36 9.74 2.03
N TRP B 413 12.14 10.80 1.81
CA TRP B 413 12.03 12.01 2.62
C TRP B 413 10.57 12.47 2.73
N TYR B 414 9.87 12.54 1.59
CA TYR B 414 8.45 12.89 1.57
C TYR B 414 7.61 11.98 2.48
N ASN B 415 7.86 10.67 2.39
CA ASN B 415 7.16 9.63 3.17
C ASN B 415 7.30 9.73 4.69
N ARG B 416 8.39 10.34 5.17
CA ARG B 416 8.58 10.54 6.61
C ARG B 416 7.86 11.78 7.17
N GLN B 417 8.06 12.93 6.52
CA GLN B 417 7.60 14.24 7.06
C GLN B 417 6.14 14.24 7.51
N LEU B 425 3.77 20.13 0.80
CA LEU B 425 4.88 19.36 0.24
C LEU B 425 4.81 19.28 -1.29
N GLY B 426 5.98 19.18 -1.92
CA GLY B 426 6.06 19.09 -3.38
C GLY B 426 5.63 17.77 -4.00
N CYS B 427 5.22 16.80 -3.18
CA CYS B 427 4.68 15.54 -3.68
C CYS B 427 3.14 15.54 -3.92
N SER B 428 2.51 16.72 -3.93
CA SER B 428 1.06 16.80 -4.12
C SER B 428 0.77 17.25 -5.55
N TRP B 429 0.04 16.40 -6.28
CA TRP B 429 -0.24 16.64 -7.69
C TRP B 429 -1.71 16.71 -7.97
N GLU B 430 -2.06 17.30 -9.11
CA GLU B 430 -3.39 17.18 -9.66
C GLU B 430 -3.28 16.85 -11.14
N PHE B 431 -4.24 16.05 -11.60
CA PHE B 431 -4.34 15.55 -12.96
C PHE B 431 -5.46 16.32 -13.67
N ILE B 432 -5.09 17.11 -14.69
CA ILE B 432 -6.02 18.02 -15.36
C ILE B 432 -6.33 17.61 -16.80
N PRO B 433 -7.54 17.11 -17.05
CA PRO B 433 -7.93 16.90 -18.43
C PRO B 433 -8.55 18.16 -19.02
N VAL B 434 -8.60 18.24 -20.33
CA VAL B 434 -9.28 19.36 -21.02
C VAL B 434 -10.76 19.30 -20.68
N ASP B 435 -11.34 20.42 -20.27
CA ASP B 435 -12.76 20.50 -19.88
C ASP B 435 -13.40 21.75 -20.46
N ASP B 436 -14.60 21.57 -21.05
CA ASP B 436 -15.39 22.68 -21.62
C ASP B 436 -15.66 23.83 -20.66
N GLY B 437 -15.69 23.56 -19.35
CA GLY B 437 -15.93 24.60 -18.35
C GLY B 437 -14.78 25.50 -17.99
N TRP B 438 -13.63 25.31 -18.63
CA TRP B 438 -12.44 26.08 -18.30
C TRP B 438 -12.06 27.13 -19.36
N GLY B 439 -12.37 26.86 -20.65
CA GLY B 439 -12.26 27.86 -21.73
C GLY B 439 -10.87 28.17 -22.29
N GLU B 440 -9.90 27.32 -22.00
CA GLU B 440 -8.55 27.42 -22.52
C GLU B 440 -8.43 26.50 -23.72
N ARG B 441 -7.70 26.94 -24.75
CA ARG B 441 -7.45 26.10 -25.93
C ARG B 441 -6.14 25.33 -25.67
N PRO B 442 -6.20 23.98 -25.65
CA PRO B 442 -4.96 23.20 -25.51
C PRO B 442 -4.10 23.30 -26.78
N LEU B 443 -2.81 23.58 -26.61
CA LEU B 443 -1.87 23.79 -27.72
C LEU B 443 -1.04 22.54 -28.05
N GLN B 444 -0.67 21.80 -27.01
CA GLN B 444 -0.03 20.49 -27.12
C GLN B 444 -0.83 19.51 -26.28
C1 GAL C . 0.99 10.36 28.84
C2 GAL C . 2.09 9.75 27.96
C3 GAL C . 2.14 10.42 26.58
C4 GAL C . 0.75 10.39 25.95
C5 GAL C . -0.21 11.13 26.89
C6 GAL C . -1.61 11.24 26.29
O2 GAL C . 3.36 9.91 28.61
O3 GAL C . 3.13 9.81 25.74
O4 GAL C . 0.25 9.05 25.79
O5 GAL C . -0.26 10.43 28.15
O6 GAL C . -2.40 10.11 26.64
C1 NGA C . 0.44 8.46 24.51
C2 NGA C . 0.40 6.95 24.76
C3 NGA C . 0.53 6.19 23.45
C4 NGA C . -0.60 6.59 22.52
C5 NGA C . -0.58 8.11 22.33
C6 NGA C . -1.74 8.60 21.48
C7 NGA C . 1.17 5.73 26.76
C8 NGA C . 2.35 5.40 27.64
N2 NGA C . 1.42 6.54 25.71
O3 NGA C . 0.49 4.79 23.76
O4 NGA C . -1.85 6.15 23.05
O5 NGA C . -0.61 8.79 23.59
O6 NGA C . -1.38 9.88 20.93
O7 NGA C . 0.07 5.28 27.00
C1 GAL C . 1.00 3.94 22.72
C2 GAL C . 1.72 2.79 23.41
C3 GAL C . 2.03 1.63 22.46
C4 GAL C . 0.86 1.28 21.55
C5 GAL C . 0.36 2.56 20.90
C6 GAL C . -0.76 2.32 19.92
O2 GAL C . 2.97 3.28 23.92
O3 GAL C . 2.40 0.47 23.25
O4 GAL C . -0.18 0.64 22.29
O5 GAL C . -0.07 3.47 21.92
O6 GAL C . -1.17 3.59 19.41
C1 SIA C . 3.79 -0.38 21.37
C2 SIA C . 3.66 -0.11 22.85
C3 SIA C . 3.65 -1.40 23.69
C4 SIA C . 5.04 -1.99 23.78
C5 SIA C . 6.05 -0.96 24.29
C6 SIA C . 6.00 0.29 23.42
C7 SIA C . 6.91 1.43 23.87
C8 SIA C . 6.65 2.70 23.03
C9 SIA C . 7.70 3.78 23.22
C10 SIA C . 8.20 -1.78 25.23
C11 SIA C . 7.77 -1.42 26.63
N5 SIA C . 7.38 -1.54 24.22
O1A SIA C . 4.54 0.34 20.67
O1B SIA C . 3.14 -1.31 20.85
O4 SIA C . 5.03 -3.11 24.67
O6 SIA C . 4.66 0.80 23.36
O7 SIA C . 6.70 1.72 25.26
O8 SIA C . 6.59 2.33 21.64
O9 SIA C . 7.18 5.03 22.74
O10 SIA C . 9.30 -2.29 25.03
C1 GAL D . 22.14 20.22 5.27
C2 GAL D . 20.76 20.87 5.15
C3 GAL D . 19.69 20.00 5.83
C4 GAL D . 19.75 18.57 5.29
C5 GAL D . 21.17 18.03 5.48
C6 GAL D . 21.30 16.59 5.01
O2 GAL D . 20.78 22.17 5.72
O3 GAL D . 18.39 20.57 5.63
O4 GAL D . 19.44 18.59 3.88
O5 GAL D . 22.10 18.87 4.79
O6 GAL D . 21.50 16.53 3.59
C1 NGA D . 18.18 18.00 3.52
C2 NGA D . 17.55 18.77 2.36
C3 NGA D . 16.23 18.10 1.94
C4 NGA D . 16.46 16.60 1.69
C5 NGA D . 17.11 15.97 2.92
C6 NGA D . 17.38 14.48 2.76
C7 NGA D . 17.87 21.22 2.15
C8 NGA D . 17.49 22.56 2.73
N2 NGA D . 17.31 20.15 2.75
O3 NGA D . 15.72 18.76 0.75
O4 NGA D . 17.31 16.46 0.55
O5 NGA D . 18.35 16.62 3.19
O6 NGA D . 17.78 13.95 4.03
O7 NGA D . 18.64 21.15 1.21
C1 GAL D . 14.36 18.43 0.41
C2 GAL D . 13.68 19.67 -0.20
C3 GAL D . 12.31 19.35 -0.80
C4 GAL D . 12.31 18.05 -1.62
C5 GAL D . 12.97 16.96 -0.82
C6 GAL D . 12.93 15.62 -1.56
O2 GAL D . 13.51 20.68 0.79
O3 GAL D . 11.93 20.45 -1.64
O4 GAL D . 13.02 18.25 -2.85
O5 GAL D . 14.31 17.36 -0.53
O6 GAL D . 13.69 14.67 -0.83
C1 SIA D . 9.48 19.85 -1.54
C2 SIA D . 10.56 20.91 -1.54
C3 SIA D . 10.31 22.02 -2.56
C4 SIA D . 9.30 23.03 -2.04
C5 SIA D . 9.69 23.54 -0.64
C6 SIA D . 9.73 22.31 0.28
C7 SIA D . 10.18 22.24 1.74
C8 SIA D . 9.97 23.45 2.63
C9 SIA D . 10.58 23.19 4.02
C10 SIA D . 8.91 25.90 -0.42
C11 SIA D . 10.18 26.46 -1.02
N5 SIA D . 8.73 24.57 -0.26
O1A SIA D . 8.91 19.52 -0.47
O1B SIA D . 9.21 19.30 -2.63
O4 SIA D . 9.15 24.08 -3.02
O6 SIA D . 10.76 21.49 -0.26
O7 SIA D . 9.51 21.10 2.32
O8 SIA D . 10.62 24.55 2.01
O9 SIA D . 10.43 21.82 4.45
O10 SIA D . 8.02 26.66 -0.07
#